data_3VFH
#
_entry.id   3VFH
#
_cell.length_a   79.396
_cell.length_b   97.459
_cell.length_c   110.958
_cell.angle_alpha   90.00
_cell.angle_beta   108.37
_cell.angle_gamma   90.00
#
_symmetry.space_group_name_H-M   'P 1 21 1'
#
loop_
_entity.id
_entity.type
_entity.pdbx_description
1 polymer Beta-lactamase
2 non-polymer 'PHOSPHATE ION'
3 non-polymer '(2R)-5-methylidene-2-{(1R)-2-oxo-1-[(phenylacetyl)amino]ethyl}-5,6-dihydro-2H-1,3-thiazine-4-carboxylic acid'
4 water water
#
_entity_poly.entity_id   1
_entity_poly.type   'polypeptide(L)'
_entity_poly.pdbx_seq_one_letter_code
;MGSSHHHHHHSSGENLYFQGDLADRFAELERRYDARLGVYVPATGTTAAIEYRADERFAFCSTFKAPLVAAVLHQNPLTH
LDKLITYTSDDIRSISPVAQQHVQTGMTIGQLCDAAIRYSDGTAANLLLADLGGPGGGTAAFTGYLRSLGDTVSRLDAEA
PELNRDPPGDERDTTTPHAIALVLQQLVLGNALPPDKRALLTDWMARNTTGAKRIRAGFPADWKVIDKTGTGDYGRANDI
AVVWSPTGVPYVVAVMSDRAGGGYDAEPREALLAEAATCVAGVLA
;
_entity_poly.pdbx_strand_id   A,B,C,D
#
loop_
_chem_comp.id
_chem_comp.type
_chem_comp.name
_chem_comp.formula
CD6 non-polymer '(2R)-5-methylidene-2-{(1R)-2-oxo-1-[(phenylacetyl)amino]ethyl}-5,6-dihydro-2H-1,3-thiazine-4-carboxylic acid' 'C16 H16 N2 O4 S'
PO4 non-polymer 'PHOSPHATE ION' 'O4 P -3'
#
# COMPACT_ATOMS: atom_id res chain seq x y z
N ASP A 21 17.01 -12.08 29.19
CA ASP A 21 16.11 -10.93 29.18
C ASP A 21 14.82 -11.26 28.43
N LEU A 22 14.89 -12.20 27.51
CA LEU A 22 13.72 -12.60 26.74
C LEU A 22 12.66 -13.21 27.65
N ALA A 23 13.11 -13.99 28.63
CA ALA A 23 12.22 -14.61 29.59
C ALA A 23 11.51 -13.54 30.42
N ASP A 24 12.24 -12.49 30.76
CA ASP A 24 11.69 -11.40 31.55
C ASP A 24 10.56 -10.66 30.84
N ARG A 25 10.68 -10.53 29.51
CA ARG A 25 9.65 -9.85 28.74
C ARG A 25 8.41 -10.71 28.53
N PHE A 26 8.59 -12.02 28.38
CA PHE A 26 7.44 -12.91 28.28
C PHE A 26 6.76 -12.92 29.63
N ALA A 27 7.56 -12.86 30.69
CA ALA A 27 7.03 -12.89 32.05
C ALA A 27 6.21 -11.63 32.30
N GLU A 28 6.66 -10.51 31.72
CA GLU A 28 5.93 -9.25 31.87
C GLU A 28 4.60 -9.24 31.11
N LEU A 29 4.65 -9.63 29.85
CA LEU A 29 3.44 -9.82 29.06
C LEU A 29 2.46 -10.67 29.84
N GLU A 30 2.99 -11.70 30.49
CA GLU A 30 2.15 -12.59 31.29
C GLU A 30 1.36 -11.79 32.29
N ARG A 31 2.07 -11.04 33.13
CA ARG A 31 1.44 -10.20 34.15
C ARG A 31 0.57 -9.07 33.59
N ARG A 32 1.06 -8.42 32.53
CA ARG A 32 0.28 -7.35 31.89
C ARG A 32 -1.06 -7.85 31.37
N TYR A 33 -1.15 -9.13 31.07
CA TYR A 33 -2.35 -9.66 30.44
C TYR A 33 -3.10 -10.66 31.28
N ASP A 34 -2.64 -10.86 32.51
CA ASP A 34 -3.23 -11.88 33.36
C ASP A 34 -3.40 -13.17 32.55
N ALA A 35 -2.28 -13.73 32.09
CA ALA A 35 -2.32 -14.89 31.21
C ALA A 35 -1.13 -15.80 31.45
N ARG A 36 -1.24 -17.05 30.98
CA ARG A 36 -0.07 -17.93 30.91
C ARG A 36 0.38 -18.01 29.45
N LEU A 37 1.64 -17.71 29.19
CA LEU A 37 2.18 -17.73 27.82
C LEU A 37 3.20 -18.85 27.58
N GLY A 38 3.15 -19.43 26.39
CA GLY A 38 4.05 -20.48 25.99
C GLY A 38 4.53 -20.23 24.58
N VAL A 39 5.86 -20.19 24.41
CA VAL A 39 6.45 -19.81 23.16
C VAL A 39 7.51 -20.83 22.75
N TYR A 40 7.52 -21.17 21.47
CA TYR A 40 8.64 -21.94 20.96
C TYR A 40 8.99 -21.63 19.49
N VAL A 41 10.27 -21.36 19.22
CA VAL A 41 10.80 -21.24 17.85
C VAL A 41 11.98 -22.19 17.74
N PRO A 42 11.85 -23.25 16.92
CA PRO A 42 12.93 -24.22 16.69
C PRO A 42 14.27 -23.55 16.41
N ALA A 43 15.35 -24.16 16.90
CA ALA A 43 16.69 -23.73 16.56
C ALA A 43 16.95 -23.87 15.07
N THR A 44 17.82 -23.01 14.54
CA THR A 44 18.32 -23.12 13.17
C THR A 44 19.86 -23.10 13.15
N GLY A 45 20.43 -23.18 11.96
CA GLY A 45 21.87 -23.15 11.78
C GLY A 45 22.58 -21.95 12.39
N THR A 46 21.84 -20.86 12.62
CA THR A 46 22.43 -19.62 13.14
C THR A 46 21.75 -19.04 14.38
N THR A 47 20.58 -19.56 14.76
CA THR A 47 19.87 -19.06 15.94
C THR A 47 19.53 -20.20 16.91
N ALA A 48 19.69 -19.95 18.21
CA ALA A 48 19.26 -20.91 19.23
C ALA A 48 17.73 -21.01 19.27
N ALA A 49 17.22 -22.16 19.71
CA ALA A 49 15.79 -22.30 19.96
C ALA A 49 15.33 -21.21 20.94
N ILE A 50 14.17 -20.60 20.67
CA ILE A 50 13.53 -19.73 21.67
C ILE A 50 12.46 -20.51 22.41
N GLU A 51 12.45 -20.40 23.74
CA GLU A 51 11.49 -21.18 24.52
C GLU A 51 11.07 -20.53 25.84
N TYR A 52 9.76 -20.40 26.01
CA TYR A 52 9.14 -20.01 27.29
C TYR A 52 7.93 -20.90 27.57
N ARG A 53 8.00 -21.68 28.65
CA ARG A 53 6.96 -22.67 28.96
C ARG A 53 6.69 -23.55 27.75
N ALA A 54 7.76 -23.83 26.99
CA ALA A 54 7.68 -24.59 25.75
C ALA A 54 7.23 -26.04 25.93
N ASP A 55 7.37 -26.58 27.15
CA ASP A 55 7.06 -28.00 27.40
C ASP A 55 5.85 -28.21 28.29
N GLU A 56 5.18 -27.12 28.65
CA GLU A 56 3.94 -27.24 29.41
C GLU A 56 2.80 -27.46 28.44
N ARG A 57 1.78 -28.15 28.89
CA ARG A 57 0.64 -28.48 28.04
C ARG A 57 -0.32 -27.30 27.89
N PHE A 58 -0.81 -27.11 26.67
CA PHE A 58 -1.82 -26.10 26.35
C PHE A 58 -2.85 -26.76 25.45
N ALA A 59 -4.11 -26.33 25.54
CA ALA A 59 -5.17 -26.86 24.70
C ALA A 59 -4.96 -26.60 23.21
N PHE A 60 -5.07 -27.67 22.42
CA PHE A 60 -4.99 -27.57 20.97
C PHE A 60 -5.93 -26.49 20.45
N CYS A 61 -7.21 -26.68 20.74
CA CYS A 61 -8.25 -25.78 20.24
C CYS A 61 -8.52 -26.03 18.75
N SER A 62 -7.94 -25.20 17.90
CA SER A 62 -8.15 -25.34 16.47
C SER A 62 -6.82 -25.49 15.72
N THR A 63 -5.72 -25.43 16.44
CA THR A 63 -4.40 -25.53 15.84
C THR A 63 -4.13 -26.93 15.29
N PHE A 64 -4.95 -27.89 15.69
CA PHE A 64 -4.79 -29.28 15.24
C PHE A 64 -5.29 -29.43 13.81
N LYS A 65 -6.30 -28.63 13.46
CA LYS A 65 -6.89 -28.66 12.12
C LYS A 65 -5.81 -28.65 11.03
N ALA A 66 -4.64 -28.08 11.35
CA ALA A 66 -3.57 -27.96 10.36
C ALA A 66 -2.82 -29.28 10.11
N PRO A 67 -2.23 -29.90 11.15
CA PRO A 67 -1.71 -31.26 10.97
C PRO A 67 -2.78 -32.34 10.63
N LEU A 68 -4.05 -32.09 10.96
CA LEU A 68 -5.15 -32.97 10.56
C LEU A 68 -5.21 -33.03 9.03
N VAL A 69 -5.30 -31.87 8.42
CA VAL A 69 -5.36 -31.75 6.97
C VAL A 69 -4.15 -32.40 6.30
N ALA A 70 -3.04 -32.54 7.03
CA ALA A 70 -1.85 -33.23 6.51
C ALA A 70 -1.98 -34.74 6.70
N ALA A 71 -2.57 -35.15 7.83
CA ALA A 71 -2.99 -36.54 8.01
C ALA A 71 -3.82 -37.01 6.82
N VAL A 72 -4.79 -36.20 6.43
CA VAL A 72 -5.70 -36.54 5.34
C VAL A 72 -4.95 -36.62 4.02
N LEU A 73 -3.94 -35.77 3.88
CA LEU A 73 -3.16 -35.70 2.65
C LEU A 73 -2.17 -36.85 2.56
N HIS A 74 -1.62 -37.24 3.71
CA HIS A 74 -0.58 -38.24 3.74
C HIS A 74 -1.13 -39.61 3.35
N GLN A 75 -2.27 -39.95 3.93
CA GLN A 75 -2.82 -41.29 3.88
C GLN A 75 -3.64 -41.55 2.62
N ASN A 76 -3.68 -40.60 1.70
CA ASN A 76 -4.56 -40.72 0.55
C ASN A 76 -3.91 -40.21 -0.74
N PRO A 77 -4.42 -40.66 -1.89
CA PRO A 77 -4.01 -40.15 -3.21
C PRO A 77 -4.49 -38.72 -3.36
N LEU A 78 -3.75 -37.88 -4.07
CA LEU A 78 -4.27 -36.55 -4.41
C LEU A 78 -5.74 -36.67 -4.78
N THR A 79 -5.98 -37.60 -5.70
CA THR A 79 -7.30 -37.87 -6.25
C THR A 79 -8.39 -37.87 -5.18
N HIS A 80 -8.05 -38.31 -3.98
CA HIS A 80 -9.00 -38.41 -2.90
C HIS A 80 -9.68 -37.07 -2.58
N LEU A 81 -8.99 -35.97 -2.88
CA LEU A 81 -9.49 -34.63 -2.55
C LEU A 81 -10.87 -34.33 -3.17
N ASP A 82 -11.13 -34.95 -4.32
CA ASP A 82 -12.37 -34.74 -5.09
C ASP A 82 -13.56 -35.50 -4.51
N LYS A 83 -13.34 -36.29 -3.48
CA LYS A 83 -14.41 -37.15 -2.98
C LYS A 83 -15.44 -36.32 -2.22
N LEU A 84 -16.71 -36.45 -2.58
CA LEU A 84 -17.74 -35.64 -1.98
C LEU A 84 -18.21 -36.20 -0.64
N ILE A 85 -18.28 -35.34 0.37
CA ILE A 85 -18.74 -35.80 1.68
C ILE A 85 -20.10 -35.24 2.02
N THR A 86 -21.03 -36.13 2.37
CA THR A 86 -22.38 -35.69 2.66
C THR A 86 -22.63 -35.70 4.18
N TYR A 87 -23.27 -34.62 4.64
CA TYR A 87 -23.61 -34.45 6.04
C TYR A 87 -24.93 -33.71 6.16
N THR A 88 -25.44 -33.67 7.39
CA THR A 88 -26.75 -33.05 7.65
C THR A 88 -26.62 -31.85 8.58
N SER A 89 -27.74 -31.15 8.78
CA SER A 89 -27.75 -29.99 9.65
C SER A 89 -27.45 -30.32 11.10
N ASP A 90 -27.63 -31.59 11.49
CA ASP A 90 -27.36 -31.98 12.88
C ASP A 90 -25.90 -32.35 13.12
N ASP A 91 -25.15 -32.47 12.03
CA ASP A 91 -23.71 -32.76 12.10
C ASP A 91 -22.94 -31.52 12.52
N ILE A 92 -23.61 -30.37 12.41
CA ILE A 92 -23.02 -29.07 12.69
C ILE A 92 -23.06 -28.79 14.20
N ARG A 93 -21.97 -29.14 14.88
CA ARG A 93 -21.86 -28.98 16.34
C ARG A 93 -21.20 -27.68 16.82
N SER A 94 -20.41 -27.05 15.96
CA SER A 94 -19.55 -25.95 16.38
C SER A 94 -19.50 -24.92 15.27
N ILE A 95 -18.77 -23.83 15.55
CA ILE A 95 -18.68 -22.71 14.63
C ILE A 95 -18.28 -23.24 13.25
N SER A 96 -19.18 -23.12 12.28
CA SER A 96 -19.01 -23.70 10.94
C SER A 96 -19.36 -22.72 9.80
N PRO A 97 -18.63 -21.61 9.74
CA PRO A 97 -18.90 -20.55 8.77
C PRO A 97 -19.06 -21.02 7.32
N VAL A 98 -18.66 -22.26 7.03
CA VAL A 98 -18.70 -22.76 5.66
C VAL A 98 -19.61 -23.97 5.50
N ALA A 99 -19.47 -24.94 6.40
CA ALA A 99 -20.24 -26.18 6.33
C ALA A 99 -21.72 -25.94 6.10
N GLN A 100 -22.34 -25.21 7.02
CA GLN A 100 -23.78 -24.95 6.96
C GLN A 100 -24.22 -24.43 5.59
N GLN A 101 -23.30 -23.77 4.90
CA GLN A 101 -23.57 -23.26 3.55
C GLN A 101 -23.79 -24.38 2.53
N HIS A 102 -22.99 -25.43 2.62
CA HIS A 102 -22.98 -26.47 1.60
C HIS A 102 -23.59 -27.76 2.04
N VAL A 103 -24.51 -27.70 2.99
CA VAL A 103 -25.19 -28.91 3.47
C VAL A 103 -26.01 -29.56 2.37
N GLN A 104 -26.69 -28.74 1.57
CA GLN A 104 -27.46 -29.25 0.44
C GLN A 104 -26.53 -29.93 -0.57
N THR A 105 -25.37 -29.32 -0.80
CA THR A 105 -24.40 -29.81 -1.77
C THR A 105 -23.42 -30.82 -1.17
N GLY A 106 -23.00 -30.58 0.06
CA GLY A 106 -21.89 -31.31 0.63
C GLY A 106 -20.60 -30.67 0.15
N MET A 107 -19.47 -31.21 0.58
CA MET A 107 -18.18 -30.63 0.17
C MET A 107 -17.18 -31.73 -0.13
N THR A 108 -16.31 -31.50 -1.10
CA THR A 108 -15.22 -32.42 -1.34
C THR A 108 -14.33 -32.44 -0.10
N ILE A 109 -13.44 -33.43 -0.03
CA ILE A 109 -12.44 -33.50 1.02
C ILE A 109 -11.53 -32.27 0.89
N GLY A 110 -11.38 -31.78 -0.34
CA GLY A 110 -10.62 -30.57 -0.62
C GLY A 110 -11.25 -29.31 -0.04
N GLN A 111 -12.57 -29.16 -0.17
CA GLN A 111 -13.28 -27.99 0.37
C GLN A 111 -13.35 -28.04 1.88
N LEU A 112 -13.28 -29.26 2.42
CA LEU A 112 -13.27 -29.46 3.86
C LEU A 112 -11.91 -29.03 4.40
N CYS A 113 -10.87 -29.43 3.69
CA CYS A 113 -9.52 -29.10 4.06
C CYS A 113 -9.39 -27.59 4.12
N ASP A 114 -9.66 -26.96 2.99
CA ASP A 114 -9.66 -25.52 2.83
C ASP A 114 -10.34 -24.74 3.97
N ALA A 115 -11.51 -25.20 4.40
CA ALA A 115 -12.31 -24.48 5.39
C ALA A 115 -11.89 -24.76 6.82
N ALA A 116 -11.28 -25.92 7.04
CA ALA A 116 -10.83 -26.30 8.37
C ALA A 116 -9.59 -25.49 8.73
N ILE A 117 -8.91 -25.03 7.68
CA ILE A 117 -7.68 -24.27 7.81
C ILE A 117 -7.93 -22.78 7.69
N ARG A 118 -8.59 -22.36 6.61
CA ARG A 118 -8.76 -20.93 6.33
C ARG A 118 -9.86 -20.25 7.15
N TYR A 119 -10.83 -21.02 7.65
CA TYR A 119 -11.93 -20.45 8.46
C TYR A 119 -12.12 -21.14 9.79
N SER A 120 -11.34 -22.19 10.02
CA SER A 120 -11.34 -22.92 11.29
C SER A 120 -12.66 -23.66 11.54
N ASP A 121 -13.36 -23.97 10.44
CA ASP A 121 -14.66 -24.65 10.48
C ASP A 121 -14.69 -25.91 11.34
N GLY A 122 -15.49 -25.85 12.41
CA GLY A 122 -15.64 -26.96 13.33
C GLY A 122 -16.19 -28.26 12.74
N THR A 123 -17.07 -28.16 11.75
CA THR A 123 -17.66 -29.35 11.14
C THR A 123 -16.73 -29.97 10.08
N ALA A 124 -16.24 -29.14 9.16
CA ALA A 124 -15.18 -29.54 8.23
C ALA A 124 -14.10 -30.37 8.92
N ALA A 125 -13.61 -29.89 10.07
CA ALA A 125 -12.67 -30.68 10.86
C ALA A 125 -13.29 -32.01 11.33
N ASN A 126 -14.43 -31.94 12.03
CA ASN A 126 -15.14 -33.15 12.49
C ASN A 126 -15.31 -34.22 11.40
N LEU A 127 -15.60 -33.79 10.18
CA LEU A 127 -15.68 -34.71 9.05
C LEU A 127 -14.33 -35.37 8.73
N LEU A 128 -13.28 -34.55 8.57
CA LEU A 128 -11.97 -35.05 8.17
C LEU A 128 -11.39 -36.03 9.17
N LEU A 129 -11.68 -35.81 10.45
CA LEU A 129 -11.31 -36.75 11.49
C LEU A 129 -11.96 -38.09 11.18
N ALA A 130 -13.27 -38.05 10.93
CA ALA A 130 -14.02 -39.25 10.59
C ALA A 130 -13.42 -39.92 9.37
N ASP A 131 -12.98 -39.14 8.38
CA ASP A 131 -12.39 -39.71 7.17
C ASP A 131 -11.06 -40.41 7.47
N LEU A 132 -10.51 -40.17 8.66
CA LEU A 132 -9.29 -40.87 9.08
C LEU A 132 -9.60 -42.30 9.60
N GLY A 133 -10.71 -42.45 10.34
CA GLY A 133 -11.18 -43.77 10.71
C GLY A 133 -10.88 -44.17 12.15
N GLY A 134 -11.47 -45.27 12.57
CA GLY A 134 -11.14 -45.85 13.86
C GLY A 134 -11.80 -45.20 15.06
N PRO A 135 -11.49 -45.73 16.24
CA PRO A 135 -12.06 -45.27 17.50
C PRO A 135 -11.93 -43.76 17.72
N GLY A 136 -12.84 -43.26 18.59
CA GLY A 136 -12.84 -41.87 18.99
C GLY A 136 -13.10 -40.97 17.79
N GLY A 137 -13.90 -41.48 16.84
CA GLY A 137 -14.34 -40.72 15.68
C GLY A 137 -13.25 -40.07 14.85
N GLY A 138 -12.04 -40.63 14.92
CA GLY A 138 -10.91 -40.16 14.12
C GLY A 138 -9.68 -39.79 14.93
N THR A 139 -9.90 -39.46 16.19
CA THR A 139 -8.88 -38.87 17.06
C THR A 139 -7.74 -39.81 17.43
N ALA A 140 -8.01 -41.11 17.44
CA ALA A 140 -6.96 -42.11 17.63
C ALA A 140 -6.05 -42.16 16.39
N ALA A 141 -6.66 -42.10 15.21
CA ALA A 141 -5.94 -42.06 13.95
C ALA A 141 -5.11 -40.76 13.84
N PHE A 142 -5.61 -39.70 14.46
CA PHE A 142 -4.94 -38.42 14.33
C PHE A 142 -3.71 -38.41 15.24
N THR A 143 -3.89 -38.76 16.51
CA THR A 143 -2.73 -38.89 17.41
C THR A 143 -1.74 -39.92 16.85
N GLY A 144 -2.25 -40.89 16.09
CA GLY A 144 -1.41 -41.84 15.39
C GLY A 144 -0.51 -41.11 14.43
N TYR A 145 -1.08 -40.19 13.67
CA TYR A 145 -0.31 -39.39 12.70
C TYR A 145 0.71 -38.45 13.38
N LEU A 146 0.40 -37.91 14.55
CA LEU A 146 1.39 -37.08 15.23
C LEU A 146 2.55 -37.96 15.67
N ARG A 147 2.24 -39.13 16.20
CA ARG A 147 3.26 -40.10 16.62
C ARG A 147 4.23 -40.41 15.48
N SER A 148 3.67 -40.66 14.29
CA SER A 148 4.47 -40.93 13.10
C SER A 148 5.41 -39.81 12.69
N LEU A 149 5.39 -38.69 13.40
CA LEU A 149 6.23 -37.54 13.06
C LEU A 149 7.21 -37.24 14.20
N GLY A 150 7.16 -38.05 15.27
CA GLY A 150 8.08 -37.95 16.38
C GLY A 150 7.47 -37.29 17.60
N ASP A 151 6.26 -36.76 17.45
CA ASP A 151 5.57 -36.14 18.56
C ASP A 151 4.88 -37.19 19.45
N THR A 152 5.51 -37.50 20.58
CA THR A 152 4.95 -38.38 21.61
C THR A 152 4.21 -37.67 22.72
N VAL A 153 4.03 -36.36 22.55
CA VAL A 153 3.50 -35.56 23.66
C VAL A 153 2.03 -35.25 23.45
N SER A 154 1.71 -34.90 22.23
CA SER A 154 0.41 -34.39 21.92
C SER A 154 -0.64 -35.50 21.79
N ARG A 155 -1.89 -35.14 22.03
CA ARG A 155 -2.98 -36.10 22.00
C ARG A 155 -4.32 -35.43 21.72
N LEU A 156 -5.06 -35.96 20.77
CA LEU A 156 -6.39 -35.44 20.51
C LEU A 156 -7.39 -36.54 20.86
N ASP A 157 -8.15 -36.30 21.92
CA ASP A 157 -9.07 -37.31 22.45
C ASP A 157 -10.51 -37.08 21.99
N ALA A 158 -10.95 -35.83 22.02
CA ALA A 158 -12.34 -35.49 21.67
C ALA A 158 -12.44 -34.80 20.32
N GLU A 159 -13.66 -34.57 19.84
CA GLU A 159 -13.85 -33.78 18.62
C GLU A 159 -14.68 -32.53 18.90
N ALA A 160 -14.66 -31.59 17.96
CA ALA A 160 -15.40 -30.32 18.10
C ALA A 160 -16.83 -30.58 18.58
N PRO A 161 -17.31 -29.79 19.57
CA PRO A 161 -16.63 -28.66 20.21
C PRO A 161 -15.99 -29.02 21.56
N GLU A 162 -16.16 -30.26 22.03
CA GLU A 162 -15.72 -30.65 23.37
C GLU A 162 -14.23 -30.42 23.65
N LEU A 163 -13.43 -30.33 22.59
CA LEU A 163 -11.97 -30.23 22.72
C LEU A 163 -11.43 -28.83 23.09
N ASN A 164 -12.27 -27.80 22.96
CA ASN A 164 -11.89 -26.44 23.37
C ASN A 164 -12.34 -26.14 24.81
N ARG A 165 -13.10 -27.06 25.40
CA ARG A 165 -13.69 -26.88 26.74
C ARG A 165 -13.28 -27.93 27.80
N ASP A 166 -11.99 -28.27 27.85
CA ASP A 166 -11.46 -29.13 28.91
C ASP A 166 -11.01 -28.24 30.06
N PRO A 167 -11.21 -28.69 31.29
CA PRO A 167 -10.73 -27.93 32.45
C PRO A 167 -9.21 -27.72 32.41
N PRO A 168 -8.74 -26.54 32.84
CA PRO A 168 -7.31 -26.29 33.01
C PRO A 168 -6.72 -27.28 33.99
N GLY A 169 -5.75 -28.08 33.52
CA GLY A 169 -5.21 -29.16 34.32
C GLY A 169 -5.62 -30.52 33.78
N ASP A 170 -6.35 -30.53 32.67
CA ASP A 170 -6.76 -31.78 32.04
C ASP A 170 -5.87 -32.11 30.85
N GLU A 171 -5.31 -33.32 30.87
CA GLU A 171 -4.37 -33.79 29.85
C GLU A 171 -4.97 -33.88 28.45
N ARG A 172 -6.22 -34.31 28.36
CA ARG A 172 -6.84 -34.60 27.07
C ARG A 172 -6.96 -33.36 26.17
N ASP A 173 -6.72 -33.57 24.88
CA ASP A 173 -6.78 -32.52 23.87
C ASP A 173 -5.74 -31.43 24.10
N THR A 174 -4.50 -31.82 24.33
CA THR A 174 -3.45 -30.85 24.56
C THR A 174 -2.18 -31.17 23.78
N THR A 175 -1.30 -30.18 23.77
CA THR A 175 -0.05 -30.26 23.07
C THR A 175 0.88 -29.31 23.81
N THR A 176 2.07 -29.11 23.28
CA THR A 176 2.98 -28.12 23.81
C THR A 176 3.42 -27.21 22.65
N PRO A 177 3.91 -26.01 22.95
CA PRO A 177 4.52 -25.19 21.90
C PRO A 177 5.72 -25.92 21.27
N HIS A 178 6.55 -26.54 22.10
CA HIS A 178 7.64 -27.38 21.59
C HIS A 178 7.16 -28.39 20.55
N ALA A 179 6.14 -29.18 20.91
CA ALA A 179 5.74 -30.34 20.10
C ALA A 179 5.06 -29.99 18.78
N ILE A 180 4.20 -28.98 18.82
CA ILE A 180 3.49 -28.51 17.64
C ILE A 180 4.41 -27.80 16.64
N ALA A 181 5.43 -27.09 17.14
CA ALA A 181 6.38 -26.38 16.28
C ALA A 181 7.28 -27.33 15.50
N LEU A 182 7.83 -28.35 16.16
CA LEU A 182 8.53 -29.42 15.41
C LEU A 182 7.65 -30.15 14.38
N VAL A 183 6.38 -30.39 14.72
CA VAL A 183 5.45 -30.99 13.77
C VAL A 183 5.28 -30.07 12.58
N LEU A 184 4.84 -28.84 12.84
CA LEU A 184 4.59 -27.86 11.79
C LEU A 184 5.83 -27.67 10.91
N GLN A 185 7.00 -27.66 11.54
CA GLN A 185 8.25 -27.57 10.81
C GLN A 185 8.41 -28.69 9.77
N GLN A 186 8.08 -29.92 10.13
CA GLN A 186 8.20 -31.03 9.18
C GLN A 186 7.20 -30.97 8.02
N LEU A 187 5.98 -30.54 8.34
CA LEU A 187 4.92 -30.37 7.36
C LEU A 187 5.22 -29.35 6.26
N VAL A 188 5.74 -28.19 6.67
CA VAL A 188 5.93 -27.05 5.77
C VAL A 188 7.37 -26.90 5.26
N LEU A 189 8.32 -27.03 6.16
CA LEU A 189 9.73 -26.81 5.82
C LEU A 189 10.50 -28.11 5.58
N GLY A 190 9.99 -29.22 6.13
CA GLY A 190 10.67 -30.49 6.04
C GLY A 190 10.13 -31.39 4.96
N ASN A 191 10.29 -32.69 5.15
CA ASN A 191 9.90 -33.68 4.15
C ASN A 191 8.68 -34.52 4.53
N ALA A 192 7.92 -34.12 5.54
CA ALA A 192 6.79 -34.94 5.99
C ALA A 192 5.83 -35.28 4.84
N LEU A 193 5.62 -34.33 3.95
CA LEU A 193 4.70 -34.49 2.82
C LEU A 193 5.44 -34.32 1.48
N PRO A 194 5.09 -35.14 0.48
CA PRO A 194 5.61 -34.97 -0.88
C PRO A 194 5.41 -33.54 -1.37
N PRO A 195 6.26 -33.05 -2.28
CA PRO A 195 6.12 -31.63 -2.61
C PRO A 195 4.71 -31.24 -3.04
N ASP A 196 4.08 -31.99 -3.93
CA ASP A 196 2.72 -31.67 -4.38
C ASP A 196 1.75 -31.40 -3.21
N LYS A 197 1.74 -32.32 -2.25
CA LYS A 197 0.88 -32.17 -1.08
C LYS A 197 1.39 -31.04 -0.20
N ARG A 198 2.70 -30.85 -0.18
CA ARG A 198 3.32 -29.82 0.66
C ARG A 198 2.80 -28.41 0.34
N ALA A 199 2.61 -28.13 -0.95
CA ALA A 199 2.20 -26.80 -1.40
C ALA A 199 0.72 -26.54 -1.20
N LEU A 200 -0.05 -27.62 -1.15
CA LEU A 200 -1.46 -27.56 -0.84
C LEU A 200 -1.66 -27.04 0.59
N LEU A 201 -1.07 -27.75 1.55
CA LEU A 201 -1.11 -27.34 2.95
C LEU A 201 -0.63 -25.90 3.13
N THR A 202 0.55 -25.62 2.58
CA THR A 202 1.18 -24.33 2.76
C THR A 202 0.35 -23.19 2.20
N ASP A 203 -0.18 -23.42 1.01
CA ASP A 203 -1.02 -22.45 0.35
C ASP A 203 -2.30 -22.16 1.12
N TRP A 204 -2.86 -23.19 1.75
CA TRP A 204 -4.07 -23.04 2.56
C TRP A 204 -3.86 -22.24 3.83
N MET A 205 -2.67 -22.33 4.39
CA MET A 205 -2.33 -21.58 5.59
C MET A 205 -1.97 -20.15 5.25
N ALA A 206 -1.39 -19.94 4.08
CA ALA A 206 -1.03 -18.59 3.65
C ALA A 206 -2.28 -17.73 3.43
N ARG A 207 -3.41 -18.38 3.16
CA ARG A 207 -4.65 -17.68 2.89
C ARG A 207 -5.66 -17.82 4.04
N ASN A 208 -5.16 -18.23 5.20
CA ASN A 208 -5.91 -18.26 6.45
C ASN A 208 -6.51 -16.89 6.73
N THR A 209 -7.77 -16.86 7.15
CA THR A 209 -8.47 -15.58 7.36
C THR A 209 -8.64 -15.22 8.84
N THR A 210 -8.16 -16.09 9.74
CA THR A 210 -8.42 -15.94 11.18
C THR A 210 -7.27 -15.41 12.06
N GLY A 211 -6.18 -14.93 11.47
CA GLY A 211 -4.97 -14.72 12.25
C GLY A 211 -4.34 -13.33 12.15
N ALA A 212 -5.03 -12.42 11.46
CA ALA A 212 -4.49 -11.10 11.15
C ALA A 212 -4.07 -10.32 12.38
N LYS A 213 -4.72 -10.61 13.51
CA LYS A 213 -4.44 -9.91 14.77
C LYS A 213 -3.43 -10.59 15.69
N ARG A 214 -2.93 -11.75 15.30
CA ARG A 214 -2.01 -12.49 16.16
C ARG A 214 -0.56 -12.34 15.74
N ILE A 215 0.07 -13.47 15.43
CA ILE A 215 1.50 -13.48 15.09
C ILE A 215 1.79 -12.56 13.92
N ARG A 216 0.88 -12.59 12.95
CA ARG A 216 0.96 -11.81 11.72
C ARG A 216 0.97 -10.30 12.02
N ALA A 217 0.36 -9.91 13.13
CA ALA A 217 0.31 -8.51 13.53
C ALA A 217 1.59 -8.10 14.24
N GLY A 218 2.30 -9.08 14.78
CA GLY A 218 3.47 -8.85 15.59
C GLY A 218 4.76 -8.84 14.79
N PHE A 219 4.65 -9.11 13.49
CA PHE A 219 5.81 -9.19 12.61
C PHE A 219 5.71 -8.10 11.54
N PRO A 220 6.86 -7.49 11.19
CA PRO A 220 6.89 -6.53 10.08
C PRO A 220 6.23 -7.10 8.82
N ALA A 221 5.49 -6.26 8.12
CA ALA A 221 4.77 -6.65 6.91
C ALA A 221 5.61 -7.34 5.83
N ASP A 222 6.92 -7.06 5.79
CA ASP A 222 7.82 -7.62 4.78
C ASP A 222 8.32 -9.02 5.13
N TRP A 223 7.92 -9.53 6.29
CA TRP A 223 8.11 -10.93 6.63
C TRP A 223 6.88 -11.66 6.12
N LYS A 224 7.05 -12.74 5.36
CA LYS A 224 5.88 -13.53 4.99
C LYS A 224 5.44 -14.38 6.19
N VAL A 225 4.12 -14.49 6.38
CA VAL A 225 3.58 -15.30 7.45
C VAL A 225 2.45 -16.23 6.98
N ILE A 226 2.60 -17.51 7.29
CA ILE A 226 1.50 -18.47 7.19
C ILE A 226 1.26 -18.97 8.60
N ASP A 227 0.03 -19.37 8.88
CA ASP A 227 -0.33 -19.80 10.22
C ASP A 227 -1.69 -20.51 10.30
N LYS A 228 -1.96 -21.07 11.48
CA LYS A 228 -3.26 -21.60 11.83
C LYS A 228 -3.48 -21.26 13.30
N THR A 229 -4.65 -20.67 13.59
CA THR A 229 -4.94 -20.21 14.94
C THR A 229 -5.84 -21.18 15.72
N GLY A 230 -5.87 -20.98 17.03
CA GLY A 230 -6.77 -21.69 17.90
C GLY A 230 -7.31 -20.78 18.98
N THR A 231 -8.61 -20.92 19.27
CA THR A 231 -9.28 -20.13 20.31
C THR A 231 -10.21 -21.07 21.13
N GLY A 232 -10.27 -20.87 22.44
CA GLY A 232 -11.08 -21.70 23.30
C GLY A 232 -11.45 -20.99 24.60
N ASP A 233 -12.18 -21.67 25.49
CA ASP A 233 -12.60 -21.10 26.77
C ASP A 233 -11.42 -20.92 27.73
N TYR A 234 -11.67 -20.27 28.84
CA TYR A 234 -10.61 -20.02 29.81
C TYR A 234 -9.56 -19.05 29.21
N GLY A 235 -10.00 -18.29 28.19
CA GLY A 235 -9.17 -17.28 27.61
C GLY A 235 -8.05 -17.91 26.83
N ARG A 236 -8.37 -19.00 26.14
CA ARG A 236 -7.39 -19.68 25.32
C ARG A 236 -7.25 -18.96 23.97
N ALA A 237 -6.01 -18.65 23.61
CA ALA A 237 -5.66 -18.14 22.30
C ALA A 237 -4.31 -18.72 21.86
N ASN A 238 -4.30 -19.35 20.68
CA ASN A 238 -3.08 -19.92 20.13
C ASN A 238 -2.81 -19.39 18.73
N ASP A 239 -1.55 -19.43 18.31
CA ASP A 239 -1.22 -19.21 16.91
C ASP A 239 0.06 -19.97 16.61
N ILE A 240 0.07 -20.69 15.49
CA ILE A 240 1.26 -21.38 15.05
C ILE A 240 1.54 -20.97 13.63
N ALA A 241 2.76 -20.50 13.37
CA ALA A 241 3.06 -19.98 12.04
C ALA A 241 4.45 -20.31 11.54
N VAL A 242 4.62 -20.18 10.22
CA VAL A 242 5.92 -20.30 9.58
C VAL A 242 6.21 -18.95 8.93
N VAL A 243 7.28 -18.30 9.36
CA VAL A 243 7.59 -16.96 8.87
C VAL A 243 8.83 -16.93 7.97
N TRP A 244 8.84 -16.00 7.04
CA TRP A 244 9.98 -15.78 6.18
C TRP A 244 10.46 -14.35 6.31
N SER A 245 11.72 -14.19 6.65
CA SER A 245 12.34 -12.88 6.70
C SER A 245 12.28 -12.20 5.34
N PRO A 246 12.52 -10.88 5.32
CA PRO A 246 12.61 -10.21 4.02
C PRO A 246 13.60 -10.91 3.10
N THR A 247 14.59 -11.62 3.64
CA THR A 247 15.59 -12.27 2.80
C THR A 247 15.28 -13.72 2.45
N GLY A 248 14.26 -14.29 3.11
CA GLY A 248 13.75 -15.59 2.73
C GLY A 248 14.04 -16.66 3.75
N VAL A 249 14.59 -16.25 4.89
CA VAL A 249 14.92 -17.21 5.93
C VAL A 249 13.68 -17.60 6.75
N PRO A 250 13.35 -18.90 6.76
CA PRO A 250 12.14 -19.39 7.44
C PRO A 250 12.40 -19.72 8.88
N TYR A 251 11.38 -19.53 9.73
CA TYR A 251 11.41 -19.93 11.12
C TYR A 251 10.01 -20.41 11.46
N VAL A 252 9.92 -21.27 12.46
CA VAL A 252 8.64 -21.77 12.93
C VAL A 252 8.35 -21.08 14.25
N VAL A 253 7.16 -20.48 14.39
CA VAL A 253 6.83 -19.77 15.62
C VAL A 253 5.55 -20.33 16.27
N ALA A 254 5.66 -20.85 17.49
CA ALA A 254 4.48 -21.36 18.18
C ALA A 254 4.21 -20.55 19.45
N VAL A 255 3.02 -19.97 19.51
CA VAL A 255 2.65 -19.10 20.62
C VAL A 255 1.29 -19.53 21.18
N MET A 256 1.26 -19.86 22.46
CA MET A 256 0.04 -20.38 23.09
C MET A 256 -0.23 -19.71 24.43
N SER A 257 -1.50 -19.44 24.73
CA SER A 257 -1.83 -18.86 26.03
C SER A 257 -3.20 -19.26 26.52
N ASP A 258 -3.33 -19.33 27.83
CA ASP A 258 -4.64 -19.38 28.45
C ASP A 258 -4.65 -18.43 29.64
N ARG A 259 -5.84 -18.13 30.15
CA ARG A 259 -5.99 -17.26 31.32
C ARG A 259 -6.92 -17.93 32.35
N ALA A 260 -6.45 -19.02 32.94
CA ALA A 260 -7.31 -19.89 33.77
C ALA A 260 -8.01 -19.20 34.95
N GLY A 261 -7.36 -18.20 35.54
CA GLY A 261 -7.91 -17.47 36.67
C GLY A 261 -9.16 -16.66 36.38
N GLY A 262 -9.41 -16.38 35.09
CA GLY A 262 -10.65 -15.72 34.67
C GLY A 262 -11.79 -16.72 34.46
N GLY A 263 -11.50 -18.01 34.65
CA GLY A 263 -12.50 -19.05 34.52
C GLY A 263 -12.99 -19.32 33.10
N TYR A 264 -14.00 -20.17 33.00
CA TYR A 264 -14.60 -20.56 31.73
C TYR A 264 -14.81 -19.37 30.81
N ASP A 265 -15.38 -18.29 31.33
CA ASP A 265 -15.84 -17.20 30.49
C ASP A 265 -14.77 -16.11 30.24
N ALA A 266 -13.54 -16.39 30.70
CA ALA A 266 -12.40 -15.49 30.54
C ALA A 266 -12.16 -15.16 29.08
N GLU A 267 -11.69 -13.94 28.81
CA GLU A 267 -11.62 -13.52 27.42
C GLU A 267 -10.20 -13.70 26.86
N PRO A 268 -10.10 -14.25 25.64
CA PRO A 268 -8.80 -14.47 25.01
C PRO A 268 -8.11 -13.12 24.66
N ARG A 269 -6.86 -12.98 25.02
CA ARG A 269 -6.11 -11.76 24.71
C ARG A 269 -5.29 -11.92 23.44
N GLU A 270 -5.85 -11.50 22.31
CA GLU A 270 -5.14 -11.54 21.04
C GLU A 270 -3.86 -10.71 21.05
N ALA A 271 -3.88 -9.59 21.79
CA ALA A 271 -2.75 -8.68 21.80
C ALA A 271 -1.56 -9.34 22.47
N LEU A 272 -1.80 -10.34 23.32
CA LEU A 272 -0.72 -11.10 23.94
C LEU A 272 0.14 -11.82 22.90
N LEU A 273 -0.53 -12.52 21.99
CA LEU A 273 0.11 -13.27 20.91
C LEU A 273 0.83 -12.36 19.91
N ALA A 274 0.29 -11.15 19.71
CA ALA A 274 0.85 -10.21 18.76
C ALA A 274 2.13 -9.58 19.31
N GLU A 275 2.10 -9.28 20.61
CA GLU A 275 3.24 -8.73 21.31
C GLU A 275 4.37 -9.74 21.43
N ALA A 276 4.04 -10.96 21.88
CA ALA A 276 5.05 -12.00 22.00
C ALA A 276 5.73 -12.26 20.65
N ALA A 277 4.96 -12.09 19.58
CA ALA A 277 5.48 -12.24 18.23
C ALA A 277 6.46 -11.12 17.85
N THR A 278 6.20 -9.92 18.37
CA THR A 278 7.11 -8.82 18.17
C THR A 278 8.43 -9.09 18.93
N CYS A 279 8.36 -9.54 20.19
CA CYS A 279 9.60 -9.91 20.90
C CYS A 279 10.40 -10.93 20.09
N VAL A 280 9.73 -11.98 19.64
CA VAL A 280 10.34 -12.97 18.77
C VAL A 280 10.94 -12.37 17.50
N ALA A 281 10.27 -11.41 16.87
CA ALA A 281 10.77 -10.88 15.63
C ALA A 281 12.09 -10.16 15.87
N GLY A 282 12.13 -9.33 16.92
CA GLY A 282 13.32 -8.57 17.23
C GLY A 282 14.55 -9.43 17.45
N VAL A 283 14.32 -10.63 17.97
CA VAL A 283 15.42 -11.54 18.28
C VAL A 283 15.90 -12.30 17.03
N LEU A 284 15.00 -12.50 16.08
CA LEU A 284 15.31 -13.16 14.83
C LEU A 284 15.86 -12.15 13.82
N ALA A 285 15.66 -10.87 14.09
CA ALA A 285 15.90 -9.85 13.09
C ALA A 285 17.38 -9.62 12.79
N ASP B 21 -21.82 6.24 -26.64
CA ASP B 21 -20.91 5.16 -26.98
C ASP B 21 -20.40 4.36 -25.77
N LEU B 22 -20.63 4.87 -24.56
CA LEU B 22 -20.23 4.16 -23.35
C LEU B 22 -20.98 2.82 -23.28
N ALA B 23 -22.27 2.86 -23.58
CA ALA B 23 -23.08 1.64 -23.61
C ALA B 23 -22.47 0.59 -24.54
N ASP B 24 -21.75 1.05 -25.56
CA ASP B 24 -21.14 0.14 -26.52
C ASP B 24 -19.99 -0.57 -25.86
N ARG B 25 -19.20 0.21 -25.13
CA ARG B 25 -18.02 -0.30 -24.47
C ARG B 25 -18.38 -1.13 -23.23
N PHE B 26 -19.50 -0.80 -22.60
CA PHE B 26 -20.00 -1.63 -21.51
C PHE B 26 -20.38 -3.01 -22.07
N ALA B 27 -21.17 -2.98 -23.15
CA ALA B 27 -21.61 -4.18 -23.84
C ALA B 27 -20.39 -5.00 -24.23
N GLU B 28 -19.34 -4.31 -24.67
CA GLU B 28 -18.13 -5.00 -25.07
C GLU B 28 -17.39 -5.67 -23.91
N LEU B 29 -17.48 -5.08 -22.73
CA LEU B 29 -16.95 -5.71 -21.53
C LEU B 29 -17.78 -6.96 -21.16
N GLU B 30 -19.09 -6.77 -21.12
CA GLU B 30 -20.03 -7.86 -20.88
C GLU B 30 -19.63 -9.06 -21.75
N ARG B 31 -19.28 -8.78 -23.02
CA ARG B 31 -18.84 -9.79 -23.97
C ARG B 31 -17.51 -10.46 -23.58
N ARG B 32 -16.51 -9.67 -23.18
CA ARG B 32 -15.19 -10.19 -22.79
C ARG B 32 -15.19 -10.99 -21.47
N TYR B 33 -15.97 -10.52 -20.50
CA TYR B 33 -16.04 -11.18 -19.19
C TYR B 33 -17.18 -12.18 -19.03
N ASP B 34 -18.00 -12.33 -20.07
CA ASP B 34 -19.09 -13.30 -20.06
C ASP B 34 -20.06 -13.09 -18.91
N ALA B 35 -20.36 -11.84 -18.57
CA ALA B 35 -21.29 -11.54 -17.49
C ALA B 35 -22.18 -10.35 -17.79
N ARG B 36 -23.38 -10.34 -17.21
CA ARG B 36 -24.26 -9.18 -17.26
C ARG B 36 -23.68 -8.07 -16.39
N LEU B 37 -23.77 -6.82 -16.85
CA LEU B 37 -23.20 -5.70 -16.10
C LEU B 37 -24.23 -4.61 -15.90
N GLY B 38 -24.23 -4.02 -14.72
CA GLY B 38 -25.11 -2.92 -14.39
C GLY B 38 -24.30 -1.76 -13.83
N VAL B 39 -24.50 -0.57 -14.40
CA VAL B 39 -23.83 0.62 -13.89
C VAL B 39 -24.80 1.78 -13.74
N TYR B 40 -24.73 2.47 -12.61
CA TYR B 40 -25.36 3.77 -12.49
C TYR B 40 -24.44 4.78 -11.81
N VAL B 41 -24.43 5.99 -12.32
CA VAL B 41 -23.81 7.14 -11.66
C VAL B 41 -24.85 8.26 -11.68
N PRO B 42 -25.32 8.66 -10.50
CA PRO B 42 -26.28 9.76 -10.41
C PRO B 42 -25.80 11.01 -11.15
N ALA B 43 -26.75 11.85 -11.54
CA ALA B 43 -26.47 13.11 -12.22
C ALA B 43 -26.05 14.23 -11.29
N THR B 44 -25.22 15.13 -11.83
CA THR B 44 -24.84 16.34 -11.13
C THR B 44 -25.21 17.48 -12.06
N GLY B 45 -25.08 18.71 -11.59
CA GLY B 45 -25.39 19.84 -12.43
C GLY B 45 -24.36 19.92 -13.55
N THR B 46 -23.10 19.65 -13.20
CA THR B 46 -22.04 19.58 -14.18
C THR B 46 -22.21 18.44 -15.19
N THR B 47 -22.68 17.28 -14.72
CA THR B 47 -22.72 16.08 -15.54
C THR B 47 -24.06 15.32 -15.55
N ALA B 48 -24.29 14.57 -16.62
CA ALA B 48 -25.49 13.76 -16.80
C ALA B 48 -25.39 12.40 -16.10
N ALA B 49 -26.52 11.74 -15.85
CA ALA B 49 -26.48 10.42 -15.27
C ALA B 49 -25.79 9.44 -16.23
N ILE B 50 -25.07 8.47 -15.67
CA ILE B 50 -24.54 7.36 -16.47
C ILE B 50 -25.29 6.12 -16.07
N GLU B 51 -25.88 5.42 -17.04
CA GLU B 51 -26.71 4.26 -16.71
C GLU B 51 -26.64 3.16 -17.74
N TYR B 52 -26.36 1.95 -17.27
CA TYR B 52 -26.29 0.77 -18.13
C TYR B 52 -26.94 -0.40 -17.41
N ARG B 53 -28.18 -0.71 -17.77
CA ARG B 53 -29.00 -1.69 -17.06
C ARG B 53 -29.30 -1.17 -15.66
N ALA B 54 -29.42 0.15 -15.55
CA ALA B 54 -29.55 0.83 -14.25
C ALA B 54 -30.81 0.43 -13.53
N ASP B 55 -31.79 -0.08 -14.27
CA ASP B 55 -33.09 -0.42 -13.68
C ASP B 55 -33.41 -1.93 -13.67
N GLU B 56 -32.45 -2.76 -14.07
CA GLU B 56 -32.57 -4.21 -13.97
C GLU B 56 -32.16 -4.70 -12.60
N ARG B 57 -32.82 -5.76 -12.17
CA ARG B 57 -32.58 -6.32 -10.86
C ARG B 57 -31.25 -7.08 -10.87
N PHE B 58 -30.48 -6.92 -9.80
CA PHE B 58 -29.28 -7.69 -9.54
C PHE B 58 -29.35 -8.11 -8.08
N ALA B 59 -28.66 -9.19 -7.72
CA ALA B 59 -28.62 -9.64 -6.33
C ALA B 59 -27.88 -8.66 -5.41
N PHE B 60 -28.52 -8.28 -4.31
CA PHE B 60 -27.95 -7.38 -3.33
C PHE B 60 -26.59 -7.87 -2.86
N CYS B 61 -26.59 -9.02 -2.18
CA CYS B 61 -25.38 -9.59 -1.63
C CYS B 61 -25.02 -8.93 -0.31
N SER B 62 -23.78 -8.44 -0.20
CA SER B 62 -23.32 -7.81 1.05
C SER B 62 -23.42 -6.28 0.94
N THR B 63 -23.84 -5.79 -0.22
CA THR B 63 -23.94 -4.35 -0.44
C THR B 63 -24.94 -3.70 0.51
N PHE B 64 -25.95 -4.45 0.92
CA PHE B 64 -26.96 -3.96 1.87
C PHE B 64 -26.36 -3.60 3.25
N LYS B 65 -25.20 -4.18 3.58
CA LYS B 65 -24.61 -3.98 4.92
C LYS B 65 -24.35 -2.51 5.19
N ALA B 66 -24.14 -1.72 4.13
CA ALA B 66 -23.92 -0.27 4.27
C ALA B 66 -25.16 0.55 4.72
N PRO B 67 -26.26 0.53 3.94
CA PRO B 67 -27.54 1.08 4.42
C PRO B 67 -28.06 0.44 5.73
N LEU B 68 -27.61 -0.78 6.05
CA LEU B 68 -27.96 -1.43 7.32
C LEU B 68 -27.36 -0.72 8.52
N VAL B 69 -26.09 -0.34 8.37
CA VAL B 69 -25.37 0.36 9.41
C VAL B 69 -25.96 1.75 9.58
N ALA B 70 -26.41 2.36 8.48
CA ALA B 70 -27.01 3.70 8.56
C ALA B 70 -28.31 3.64 9.33
N ALA B 71 -29.06 2.56 9.09
CA ALA B 71 -30.34 2.32 9.75
C ALA B 71 -30.20 2.26 11.27
N VAL B 72 -29.30 1.40 11.75
CA VAL B 72 -28.98 1.31 13.17
C VAL B 72 -28.52 2.66 13.72
N LEU B 73 -27.70 3.38 12.95
CA LEU B 73 -27.18 4.67 13.38
C LEU B 73 -28.33 5.67 13.48
N HIS B 74 -29.25 5.56 12.55
CA HIS B 74 -30.34 6.52 12.46
C HIS B 74 -31.32 6.47 13.64
N GLN B 75 -31.62 5.28 14.15
CA GLN B 75 -32.61 5.17 15.23
C GLN B 75 -32.01 5.13 16.62
N ASN B 76 -30.74 5.49 16.75
CA ASN B 76 -30.13 5.42 18.06
C ASN B 76 -29.18 6.57 18.33
N PRO B 77 -29.19 7.05 19.58
CA PRO B 77 -28.23 8.07 20.02
C PRO B 77 -26.86 7.51 19.75
N LEU B 78 -25.89 8.35 19.42
CA LEU B 78 -24.52 7.86 19.15
C LEU B 78 -24.13 6.80 20.16
N THR B 79 -24.44 7.10 21.42
CA THR B 79 -23.96 6.30 22.52
C THR B 79 -24.52 4.86 22.58
N HIS B 80 -25.50 4.59 21.74
CA HIS B 80 -25.95 3.25 21.54
C HIS B 80 -24.83 2.37 20.98
N LEU B 81 -23.78 2.99 20.45
CA LEU B 81 -22.70 2.21 19.86
C LEU B 81 -21.95 1.42 20.92
N ASP B 82 -21.98 1.91 22.14
CA ASP B 82 -21.27 1.26 23.25
C ASP B 82 -21.91 -0.04 23.82
N LYS B 83 -23.11 -0.39 23.42
CA LYS B 83 -23.78 -1.56 23.99
C LYS B 83 -23.10 -2.89 23.62
N LEU B 84 -22.75 -3.70 24.63
CA LEU B 84 -22.24 -5.05 24.37
C LEU B 84 -23.34 -5.94 23.81
N ILE B 85 -22.97 -6.89 22.97
CA ILE B 85 -23.91 -7.83 22.37
C ILE B 85 -23.28 -9.21 22.38
N THR B 86 -24.00 -10.19 22.95
CA THR B 86 -23.47 -11.55 23.00
C THR B 86 -24.17 -12.48 22.04
N TYR B 87 -23.45 -13.53 21.69
CA TYR B 87 -23.90 -14.53 20.72
C TYR B 87 -23.15 -15.80 21.04
N THR B 88 -23.30 -16.82 20.20
CA THR B 88 -22.69 -18.12 20.47
C THR B 88 -22.02 -18.68 19.23
N SER B 89 -21.28 -19.78 19.40
CA SER B 89 -20.65 -20.48 18.28
C SER B 89 -21.62 -20.69 17.12
N ASP B 90 -22.86 -21.05 17.45
CA ASP B 90 -23.84 -21.45 16.45
C ASP B 90 -24.52 -20.28 15.72
N ASP B 91 -24.14 -19.06 16.06
CA ASP B 91 -24.67 -17.88 15.40
C ASP B 91 -23.87 -17.57 14.15
N ILE B 92 -22.76 -18.29 14.00
CA ILE B 92 -21.86 -18.14 12.86
C ILE B 92 -22.21 -19.16 11.81
N ARG B 93 -23.00 -18.73 10.83
CA ARG B 93 -23.33 -19.56 9.67
C ARG B 93 -22.71 -19.02 8.38
N SER B 94 -22.13 -17.83 8.45
CA SER B 94 -21.48 -17.24 7.29
C SER B 94 -20.08 -16.86 7.66
N ILE B 95 -19.29 -16.56 6.63
CA ILE B 95 -17.98 -15.99 6.82
C ILE B 95 -18.09 -14.75 7.72
N SER B 96 -17.39 -14.83 8.86
CA SER B 96 -17.45 -13.82 9.91
C SER B 96 -16.06 -13.55 10.48
N PRO B 97 -15.20 -12.85 9.72
CA PRO B 97 -13.81 -12.67 10.15
C PRO B 97 -13.64 -12.17 11.60
N VAL B 98 -14.47 -11.20 12.01
CA VAL B 98 -14.35 -10.57 13.33
C VAL B 98 -15.15 -11.28 14.46
N ALA B 99 -16.41 -11.57 14.19
CA ALA B 99 -17.27 -12.21 15.16
C ALA B 99 -16.76 -13.58 15.57
N GLN B 100 -16.09 -14.25 14.64
CA GLN B 100 -15.55 -15.58 14.88
C GLN B 100 -14.46 -15.56 15.94
N GLN B 101 -13.85 -14.40 16.14
CA GLN B 101 -12.75 -14.27 17.08
C GLN B 101 -13.16 -13.60 18.40
N HIS B 102 -14.43 -13.27 18.52
CA HIS B 102 -14.93 -12.62 19.74
C HIS B 102 -16.15 -13.33 20.37
N VAL B 103 -16.34 -14.60 20.07
CA VAL B 103 -17.46 -15.33 20.67
C VAL B 103 -17.31 -15.39 22.19
N GLN B 104 -16.09 -15.62 22.64
CA GLN B 104 -15.79 -15.64 24.08
C GLN B 104 -16.10 -14.30 24.76
N THR B 105 -15.75 -13.21 24.10
CA THR B 105 -15.97 -11.87 24.68
C THR B 105 -17.28 -11.12 24.34
N GLY B 106 -17.84 -11.32 23.14
CA GLY B 106 -18.98 -10.52 22.71
C GLY B 106 -18.51 -9.22 22.09
N MET B 107 -19.42 -8.46 21.47
CA MET B 107 -19.02 -7.27 20.72
C MET B 107 -20.00 -6.09 20.86
N THR B 108 -19.47 -4.87 20.94
CA THR B 108 -20.34 -3.70 20.97
C THR B 108 -21.01 -3.42 19.62
N ILE B 109 -22.09 -2.63 19.66
CA ILE B 109 -22.80 -2.23 18.44
C ILE B 109 -21.88 -1.43 17.54
N GLY B 110 -20.95 -0.70 18.13
CA GLY B 110 -19.97 0.07 17.37
C GLY B 110 -19.02 -0.85 16.61
N GLN B 111 -18.56 -1.91 17.27
CA GLN B 111 -17.61 -2.86 16.67
C GLN B 111 -18.29 -3.74 15.61
N LEU B 112 -19.59 -3.96 15.77
CA LEU B 112 -20.37 -4.71 14.81
C LEU B 112 -20.54 -3.91 13.52
N CYS B 113 -20.77 -2.61 13.64
CA CYS B 113 -20.88 -1.73 12.47
C CYS B 113 -19.56 -1.66 11.71
N ASP B 114 -18.46 -1.65 12.46
CA ASP B 114 -17.14 -1.66 11.88
C ASP B 114 -16.87 -3.00 11.14
N ALA B 115 -17.27 -4.11 11.77
CA ALA B 115 -17.00 -5.41 11.17
C ALA B 115 -17.86 -5.67 9.92
N ALA B 116 -19.10 -5.20 9.94
CA ALA B 116 -20.03 -5.42 8.84
C ALA B 116 -19.63 -4.67 7.55
N ILE B 117 -18.97 -3.55 7.73
CA ILE B 117 -18.59 -2.70 6.61
C ILE B 117 -17.17 -3.03 6.11
N ARG B 118 -16.19 -2.91 7.00
CA ARG B 118 -14.82 -3.16 6.64
C ARG B 118 -14.47 -4.64 6.39
N TYR B 119 -15.13 -5.56 7.08
CA TYR B 119 -14.84 -6.96 6.85
C TYR B 119 -16.01 -7.77 6.30
N SER B 120 -17.11 -7.09 5.96
CA SER B 120 -18.26 -7.77 5.37
C SER B 120 -18.77 -8.92 6.27
N ASP B 121 -18.46 -8.85 7.56
CA ASP B 121 -18.77 -9.90 8.55
C ASP B 121 -20.27 -10.24 8.60
N GLY B 122 -20.62 -11.49 8.30
CA GLY B 122 -21.99 -11.92 8.18
C GLY B 122 -22.80 -12.00 9.47
N THR B 123 -22.19 -12.58 10.52
CA THR B 123 -22.82 -12.64 11.83
C THR B 123 -23.06 -11.21 12.33
N ALA B 124 -22.05 -10.37 12.18
CA ALA B 124 -22.13 -8.95 12.52
C ALA B 124 -23.36 -8.28 11.92
N ALA B 125 -23.69 -8.65 10.68
CA ALA B 125 -24.85 -8.09 10.02
C ALA B 125 -26.18 -8.62 10.57
N ASN B 126 -26.21 -9.91 10.91
CA ASN B 126 -27.38 -10.53 11.51
C ASN B 126 -27.73 -9.90 12.87
N LEU B 127 -26.70 -9.69 13.70
CA LEU B 127 -26.84 -9.04 15.00
C LEU B 127 -27.28 -7.56 14.92
N LEU B 128 -26.95 -6.90 13.81
CA LEU B 128 -27.33 -5.50 13.60
C LEU B 128 -28.75 -5.43 13.08
N LEU B 129 -29.16 -6.48 12.36
CA LEU B 129 -30.54 -6.63 11.93
C LEU B 129 -31.42 -6.87 13.14
N ALA B 130 -31.04 -7.83 13.97
CA ALA B 130 -31.80 -8.16 15.18
C ALA B 130 -31.97 -6.90 16.00
N ASP B 131 -30.91 -6.10 16.06
CA ASP B 131 -30.90 -4.87 16.86
C ASP B 131 -31.89 -3.82 16.34
N LEU B 132 -32.31 -3.96 15.09
CA LEU B 132 -33.28 -3.06 14.50
C LEU B 132 -34.68 -3.34 15.04
N GLY B 133 -34.97 -4.63 15.25
CA GLY B 133 -36.25 -5.04 15.79
C GLY B 133 -37.21 -5.69 14.80
N GLY B 134 -38.20 -6.41 15.34
CA GLY B 134 -39.37 -6.84 14.60
C GLY B 134 -39.24 -8.11 13.78
N PRO B 135 -40.26 -8.35 12.92
CA PRO B 135 -40.36 -9.49 12.00
C PRO B 135 -39.17 -9.63 11.04
N GLY B 136 -38.92 -10.86 10.62
CA GLY B 136 -37.84 -11.18 9.69
C GLY B 136 -36.50 -11.27 10.40
N GLY B 137 -36.55 -11.18 11.73
CA GLY B 137 -35.33 -11.04 12.52
C GLY B 137 -34.80 -9.63 12.43
N GLY B 138 -35.63 -8.72 11.91
CA GLY B 138 -35.28 -7.34 11.73
C GLY B 138 -35.33 -6.91 10.27
N THR B 139 -35.39 -7.86 9.34
CA THR B 139 -35.38 -7.53 7.90
C THR B 139 -36.58 -6.70 7.49
N ALA B 140 -37.60 -6.67 8.36
CA ALA B 140 -38.79 -5.86 8.07
C ALA B 140 -38.54 -4.38 8.35
N ALA B 141 -37.86 -4.09 9.46
CA ALA B 141 -37.46 -2.73 9.78
C ALA B 141 -36.36 -2.18 8.83
N PHE B 142 -35.44 -3.04 8.40
CA PHE B 142 -34.44 -2.58 7.43
C PHE B 142 -35.15 -2.14 6.17
N THR B 143 -36.00 -3.01 5.62
CA THR B 143 -36.72 -2.71 4.38
C THR B 143 -37.57 -1.44 4.52
N GLY B 144 -38.06 -1.19 5.73
CA GLY B 144 -38.86 -0.03 5.99
C GLY B 144 -37.98 1.19 5.91
N TYR B 145 -36.78 1.09 6.49
CA TYR B 145 -35.79 2.16 6.41
C TYR B 145 -35.42 2.49 4.96
N LEU B 146 -35.26 1.50 4.10
CA LEU B 146 -35.00 1.80 2.69
C LEU B 146 -36.12 2.67 2.12
N ARG B 147 -37.35 2.34 2.48
CA ARG B 147 -38.51 3.11 2.05
C ARG B 147 -38.45 4.54 2.58
N SER B 148 -38.10 4.70 3.86
CA SER B 148 -38.03 6.03 4.42
C SER B 148 -37.04 6.89 3.63
N LEU B 149 -36.13 6.24 2.91
CA LEU B 149 -35.12 6.93 2.10
C LEU B 149 -35.54 7.11 0.63
N GLY B 150 -36.78 6.74 0.31
CA GLY B 150 -37.31 6.92 -1.03
C GLY B 150 -37.08 5.72 -1.93
N ASP B 151 -36.55 4.65 -1.34
CA ASP B 151 -36.29 3.46 -2.11
C ASP B 151 -37.46 2.48 -2.00
N THR B 152 -38.23 2.35 -3.07
CA THR B 152 -39.37 1.45 -3.11
C THR B 152 -39.06 0.24 -3.96
N VAL B 153 -37.88 0.25 -4.57
CA VAL B 153 -37.46 -0.80 -5.49
C VAL B 153 -36.75 -1.98 -4.81
N SER B 154 -35.88 -1.68 -3.85
CA SER B 154 -35.10 -2.72 -3.17
C SER B 154 -35.98 -3.66 -2.37
N ARG B 155 -35.49 -4.87 -2.12
CA ARG B 155 -36.21 -5.81 -1.25
C ARG B 155 -35.34 -6.87 -0.60
N LEU B 156 -35.14 -6.77 0.72
CA LEU B 156 -34.37 -7.75 1.49
C LEU B 156 -35.29 -8.69 2.27
N ASP B 157 -35.29 -9.98 1.91
CA ASP B 157 -36.17 -11.00 2.50
C ASP B 157 -35.46 -12.11 3.30
N ALA B 158 -34.16 -12.30 3.08
CA ALA B 158 -33.38 -13.29 3.82
C ALA B 158 -32.11 -12.67 4.45
N GLU B 159 -31.56 -13.34 5.45
CA GLU B 159 -30.29 -12.93 6.05
C GLU B 159 -29.25 -14.02 5.82
N ALA B 160 -27.97 -13.63 5.82
CA ALA B 160 -26.89 -14.57 5.61
C ALA B 160 -27.03 -15.79 6.51
N PRO B 161 -26.68 -16.96 5.99
CA PRO B 161 -26.17 -17.08 4.62
C PRO B 161 -27.26 -17.52 3.64
N GLU B 162 -28.43 -17.89 4.16
CA GLU B 162 -29.53 -18.31 3.32
C GLU B 162 -29.66 -17.41 2.09
N LEU B 163 -29.34 -16.13 2.27
CA LEU B 163 -29.41 -15.18 1.17
C LEU B 163 -28.57 -15.63 -0.01
N ASN B 164 -27.43 -16.26 0.27
CA ASN B 164 -26.54 -16.75 -0.77
C ASN B 164 -26.98 -18.10 -1.33
N ARG B 165 -28.08 -18.09 -2.08
CA ARG B 165 -28.59 -19.32 -2.68
C ARG B 165 -29.79 -19.04 -3.58
N ASP B 166 -30.09 -17.76 -3.77
CA ASP B 166 -31.26 -17.37 -4.53
C ASP B 166 -31.11 -17.76 -5.98
N PRO B 167 -32.18 -18.29 -6.56
CA PRO B 167 -32.19 -18.64 -7.98
C PRO B 167 -32.19 -17.40 -8.84
N PRO B 168 -31.58 -17.48 -10.02
CA PRO B 168 -31.58 -16.36 -10.95
C PRO B 168 -33.00 -16.06 -11.40
N GLY B 169 -33.31 -14.79 -11.61
CA GLY B 169 -34.67 -14.41 -11.96
C GLY B 169 -35.56 -14.37 -10.73
N ASP B 170 -34.94 -14.41 -9.55
CA ASP B 170 -35.68 -14.37 -8.30
C ASP B 170 -35.63 -12.97 -7.70
N GLU B 171 -36.80 -12.44 -7.37
CA GLU B 171 -36.95 -11.07 -6.88
C GLU B 171 -36.25 -10.83 -5.56
N ARG B 172 -36.28 -11.81 -4.67
CA ARG B 172 -35.80 -11.63 -3.30
C ARG B 172 -34.32 -11.26 -3.22
N ASP B 173 -34.03 -10.33 -2.32
CA ASP B 173 -32.69 -9.80 -2.07
C ASP B 173 -32.08 -9.25 -3.33
N THR B 174 -32.87 -8.48 -4.07
CA THR B 174 -32.35 -7.82 -5.24
C THR B 174 -32.59 -6.32 -5.12
N THR B 175 -31.90 -5.58 -5.99
CA THR B 175 -32.05 -4.14 -6.14
C THR B 175 -31.57 -3.80 -7.55
N THR B 176 -31.61 -2.53 -7.92
CA THR B 176 -31.09 -2.08 -9.20
C THR B 176 -29.86 -1.21 -8.97
N PRO B 177 -28.99 -1.04 -9.99
CA PRO B 177 -27.97 0.00 -9.78
C PRO B 177 -28.55 1.41 -9.51
N HIS B 178 -29.61 1.79 -10.23
CA HIS B 178 -30.30 3.06 -9.99
C HIS B 178 -30.76 3.22 -8.53
N ALA B 179 -31.30 2.17 -7.94
CA ALA B 179 -31.87 2.30 -6.59
C ALA B 179 -30.80 2.39 -5.51
N ILE B 180 -29.79 1.53 -5.60
CA ILE B 180 -28.75 1.46 -4.58
C ILE B 180 -27.89 2.72 -4.59
N ALA B 181 -27.64 3.26 -5.79
CA ALA B 181 -26.89 4.50 -5.93
C ALA B 181 -27.60 5.72 -5.32
N LEU B 182 -28.93 5.75 -5.36
CA LEU B 182 -29.66 6.87 -4.80
C LEU B 182 -29.68 6.81 -3.27
N VAL B 183 -29.76 5.60 -2.72
CA VAL B 183 -29.67 5.43 -1.27
C VAL B 183 -28.27 5.84 -0.80
N LEU B 184 -27.24 5.34 -1.47
CA LEU B 184 -25.86 5.61 -1.06
C LEU B 184 -25.55 7.08 -1.16
N GLN B 185 -26.11 7.75 -2.16
CA GLN B 185 -25.88 9.17 -2.35
C GLN B 185 -26.37 9.92 -1.12
N GLN B 186 -27.59 9.61 -0.69
CA GLN B 186 -28.19 10.25 0.48
C GLN B 186 -27.46 10.02 1.81
N LEU B 187 -26.97 8.80 2.00
CA LEU B 187 -26.28 8.43 3.21
C LEU B 187 -24.98 9.23 3.41
N VAL B 188 -24.22 9.39 2.32
CA VAL B 188 -22.87 9.91 2.38
C VAL B 188 -22.79 11.38 1.93
N LEU B 189 -23.56 11.73 0.90
CA LEU B 189 -23.48 13.09 0.34
C LEU B 189 -24.70 13.92 0.71
N GLY B 190 -25.77 13.24 1.11
CA GLY B 190 -27.01 13.90 1.43
C GLY B 190 -27.12 14.12 2.92
N ASN B 191 -28.36 14.11 3.40
CA ASN B 191 -28.65 14.41 4.80
C ASN B 191 -29.62 13.41 5.44
N ALA B 192 -29.49 12.15 5.05
CA ALA B 192 -30.23 11.07 5.70
C ALA B 192 -29.73 10.92 7.15
N LEU B 193 -28.53 11.41 7.42
CA LEU B 193 -27.89 11.31 8.74
C LEU B 193 -27.18 12.61 9.16
N PRO B 194 -27.15 12.89 10.48
CA PRO B 194 -26.42 14.02 11.05
C PRO B 194 -24.96 13.97 10.68
N PRO B 195 -24.29 15.12 10.67
CA PRO B 195 -22.85 15.18 10.34
C PRO B 195 -22.04 14.12 11.09
N ASP B 196 -22.26 13.96 12.40
CA ASP B 196 -21.44 13.05 13.22
C ASP B 196 -21.70 11.55 12.96
N LYS B 197 -22.93 11.21 12.59
CA LYS B 197 -23.27 9.86 12.19
C LYS B 197 -22.78 9.56 10.76
N ARG B 198 -22.93 10.54 9.88
CA ARG B 198 -22.48 10.43 8.51
C ARG B 198 -20.98 10.16 8.44
N ALA B 199 -20.23 10.70 9.40
CA ALA B 199 -18.78 10.66 9.39
C ALA B 199 -18.25 9.32 9.90
N LEU B 200 -19.02 8.66 10.75
CA LEU B 200 -18.70 7.31 11.14
C LEU B 200 -18.87 6.40 9.93
N LEU B 201 -20.05 6.46 9.32
CA LEU B 201 -20.36 5.62 8.19
C LEU B 201 -19.30 5.79 7.10
N THR B 202 -19.10 7.04 6.66
CA THR B 202 -18.11 7.35 5.66
C THR B 202 -16.73 6.80 6.02
N ASP B 203 -16.39 6.89 7.31
CA ASP B 203 -15.07 6.49 7.78
C ASP B 203 -14.84 4.99 7.72
N TRP B 204 -15.87 4.23 8.12
CA TRP B 204 -15.81 2.78 8.06
C TRP B 204 -15.73 2.32 6.62
N MET B 205 -16.46 2.98 5.74
CA MET B 205 -16.36 2.67 4.32
C MET B 205 -14.99 3.04 3.77
N ALA B 206 -14.48 4.22 4.12
CA ALA B 206 -13.16 4.68 3.64
C ALA B 206 -12.07 3.71 4.06
N ARG B 207 -12.29 3.01 5.17
CA ARG B 207 -11.31 2.08 5.67
C ARG B 207 -11.68 0.62 5.39
N ASN B 208 -12.54 0.42 4.38
CA ASN B 208 -12.96 -0.91 3.97
C ASN B 208 -11.81 -1.78 3.42
N THR B 209 -11.74 -3.04 3.88
CA THR B 209 -10.64 -3.93 3.49
C THR B 209 -10.99 -4.93 2.37
N THR B 210 -12.11 -4.73 1.67
CA THR B 210 -12.57 -5.74 0.72
C THR B 210 -12.66 -5.37 -0.80
N GLY B 211 -12.50 -4.09 -1.15
CA GLY B 211 -12.84 -3.64 -2.49
C GLY B 211 -11.74 -3.03 -3.33
N ALA B 212 -10.50 -3.38 -3.00
CA ALA B 212 -9.31 -2.85 -3.64
C ALA B 212 -9.21 -3.18 -5.13
N LYS B 213 -9.78 -4.31 -5.53
CA LYS B 213 -9.65 -4.78 -6.90
C LYS B 213 -10.90 -4.47 -7.72
N ARG B 214 -11.74 -3.60 -7.21
CA ARG B 214 -12.94 -3.25 -7.94
C ARG B 214 -12.91 -1.78 -8.32
N ILE B 215 -13.95 -1.05 -7.95
CA ILE B 215 -14.01 0.36 -8.24
C ILE B 215 -12.68 1.07 -7.92
N ARG B 216 -12.09 0.79 -6.76
CA ARG B 216 -10.84 1.42 -6.39
C ARG B 216 -9.73 1.18 -7.42
N ALA B 217 -9.68 -0.03 -7.99
CA ALA B 217 -8.61 -0.42 -8.93
C ALA B 217 -8.73 0.28 -10.29
N GLY B 218 -9.93 0.74 -10.60
CA GLY B 218 -10.22 1.31 -11.88
C GLY B 218 -10.21 2.82 -11.89
N PHE B 219 -10.06 3.43 -10.72
CA PHE B 219 -9.89 4.88 -10.67
C PHE B 219 -8.41 5.20 -10.46
N PRO B 220 -7.96 6.38 -10.94
CA PRO B 220 -6.58 6.76 -10.66
C PRO B 220 -6.44 6.97 -9.16
N ALA B 221 -5.24 6.88 -8.60
CA ALA B 221 -5.06 6.86 -7.13
C ALA B 221 -5.37 8.20 -6.43
N ASP B 222 -5.30 9.31 -7.14
CA ASP B 222 -5.61 10.61 -6.53
C ASP B 222 -7.12 10.90 -6.42
N TRP B 223 -7.95 9.99 -6.92
CA TRP B 223 -9.39 10.07 -6.67
C TRP B 223 -9.60 9.36 -5.37
N LYS B 224 -10.26 10.00 -4.41
CA LYS B 224 -10.63 9.29 -3.21
C LYS B 224 -11.75 8.33 -3.58
N VAL B 225 -11.73 7.15 -2.97
CA VAL B 225 -12.73 6.13 -3.24
C VAL B 225 -13.10 5.44 -1.93
N ILE B 226 -14.33 5.67 -1.46
CA ILE B 226 -14.90 4.84 -0.41
C ILE B 226 -15.90 3.89 -1.07
N ASP B 227 -16.14 2.73 -0.44
CA ASP B 227 -16.92 1.69 -1.09
C ASP B 227 -17.42 0.62 -0.11
N LYS B 228 -18.52 -0.05 -0.49
CA LYS B 228 -18.92 -1.31 0.11
C LYS B 228 -19.19 -2.36 -0.98
N THR B 229 -18.59 -3.54 -0.86
CA THR B 229 -18.69 -4.59 -1.88
C THR B 229 -19.74 -5.66 -1.60
N GLY B 230 -19.95 -6.54 -2.58
CA GLY B 230 -20.89 -7.64 -2.44
C GLY B 230 -20.51 -8.77 -3.39
N THR B 231 -20.42 -9.98 -2.87
CA THR B 231 -20.04 -11.12 -3.71
C THR B 231 -20.86 -12.38 -3.39
N GLY B 232 -21.25 -13.10 -4.44
CA GLY B 232 -22.06 -14.30 -4.27
C GLY B 232 -21.78 -15.40 -5.29
N ASP B 233 -22.73 -16.32 -5.42
CA ASP B 233 -22.66 -17.43 -6.37
C ASP B 233 -23.16 -16.98 -7.72
N TYR B 234 -23.05 -17.86 -8.72
CA TYR B 234 -23.45 -17.51 -10.07
C TYR B 234 -22.63 -16.33 -10.50
N GLY B 235 -21.36 -16.32 -10.08
CA GLY B 235 -20.41 -15.30 -10.44
C GLY B 235 -20.78 -13.87 -10.06
N ARG B 236 -21.52 -13.70 -8.96
CA ARG B 236 -21.88 -12.35 -8.52
C ARG B 236 -20.69 -11.56 -7.98
N ALA B 237 -20.66 -10.26 -8.33
CA ALA B 237 -19.66 -9.32 -7.86
C ALA B 237 -20.23 -7.90 -7.97
N ASN B 238 -20.47 -7.27 -6.84
CA ASN B 238 -20.92 -5.88 -6.82
C ASN B 238 -19.93 -4.93 -6.15
N ASP B 239 -20.18 -3.63 -6.31
CA ASP B 239 -19.40 -2.64 -5.63
C ASP B 239 -20.10 -1.32 -5.76
N ILE B 240 -20.37 -0.71 -4.63
CA ILE B 240 -20.97 0.61 -4.61
C ILE B 240 -20.01 1.55 -3.93
N ALA B 241 -19.78 2.70 -4.55
CA ALA B 241 -18.75 3.60 -4.07
C ALA B 241 -19.15 5.05 -4.17
N VAL B 242 -18.49 5.88 -3.35
CA VAL B 242 -18.49 7.32 -3.52
C VAL B 242 -17.06 7.76 -3.81
N VAL B 243 -16.87 8.45 -4.94
CA VAL B 243 -15.55 8.90 -5.34
C VAL B 243 -15.44 10.42 -5.34
N TRP B 244 -14.23 10.89 -5.10
CA TRP B 244 -13.92 12.30 -5.18
C TRP B 244 -12.83 12.52 -6.23
N SER B 245 -13.04 13.53 -7.09
CA SER B 245 -12.05 13.91 -8.07
C SER B 245 -10.82 14.40 -7.32
N PRO B 246 -9.71 14.68 -8.02
CA PRO B 246 -8.58 15.25 -7.28
C PRO B 246 -8.92 16.63 -6.70
N THR B 247 -9.92 17.29 -7.29
CA THR B 247 -10.36 18.63 -6.86
C THR B 247 -11.54 18.58 -5.90
N GLY B 248 -11.83 17.39 -5.39
CA GLY B 248 -12.88 17.21 -4.39
C GLY B 248 -14.31 17.11 -4.89
N VAL B 249 -14.51 16.87 -6.18
CA VAL B 249 -15.86 16.74 -6.73
C VAL B 249 -16.39 15.31 -6.53
N PRO B 250 -17.61 15.17 -5.98
CA PRO B 250 -18.03 13.82 -5.57
C PRO B 250 -18.99 13.18 -6.57
N TYR B 251 -18.88 11.85 -6.72
CA TYR B 251 -19.81 11.09 -7.55
C TYR B 251 -20.11 9.76 -6.88
N VAL B 252 -21.30 9.21 -7.15
CA VAL B 252 -21.68 7.91 -6.64
C VAL B 252 -21.59 6.89 -7.78
N VAL B 253 -20.87 5.80 -7.57
CA VAL B 253 -20.71 4.76 -8.59
C VAL B 253 -21.20 3.36 -8.16
N ALA B 254 -22.36 2.95 -8.67
CA ALA B 254 -22.88 1.61 -8.44
C ALA B 254 -22.51 0.70 -9.61
N VAL B 255 -21.89 -0.43 -9.31
CA VAL B 255 -21.57 -1.41 -10.33
C VAL B 255 -21.99 -2.81 -9.86
N MET B 256 -22.92 -3.42 -10.56
CA MET B 256 -23.32 -4.79 -10.21
C MET B 256 -23.09 -5.68 -11.40
N SER B 257 -22.83 -6.96 -11.13
CA SER B 257 -22.59 -7.90 -12.20
C SER B 257 -22.98 -9.30 -11.77
N ASP B 258 -23.25 -10.16 -12.73
CA ASP B 258 -23.26 -11.60 -12.43
C ASP B 258 -22.94 -12.37 -13.68
N ARG B 259 -22.65 -13.65 -13.49
CA ARG B 259 -22.37 -14.57 -14.57
C ARG B 259 -23.29 -15.77 -14.38
N ALA B 260 -24.56 -15.49 -14.20
CA ALA B 260 -25.51 -16.52 -13.78
C ALA B 260 -25.56 -17.67 -14.79
N GLY B 261 -25.41 -17.32 -16.06
CA GLY B 261 -25.32 -18.30 -17.13
C GLY B 261 -24.38 -19.49 -16.92
N GLY B 262 -23.29 -19.28 -16.17
CA GLY B 262 -22.29 -20.31 -15.91
C GLY B 262 -22.56 -21.20 -14.70
N GLY B 263 -23.75 -21.09 -14.13
CA GLY B 263 -24.10 -21.90 -13.00
C GLY B 263 -23.81 -21.29 -11.64
N TYR B 264 -24.32 -21.98 -10.62
CA TYR B 264 -24.14 -21.63 -9.23
C TYR B 264 -22.67 -21.41 -8.91
N ASP B 265 -21.81 -22.17 -9.55
CA ASP B 265 -20.38 -22.11 -9.24
C ASP B 265 -19.54 -21.24 -10.18
N ALA B 266 -20.18 -20.36 -10.96
CA ALA B 266 -19.45 -19.42 -11.79
C ALA B 266 -18.59 -18.50 -10.90
N GLU B 267 -17.34 -18.24 -11.31
CA GLU B 267 -16.43 -17.36 -10.55
C GLU B 267 -16.71 -15.88 -10.83
N PRO B 268 -16.82 -15.06 -9.78
CA PRO B 268 -16.93 -13.63 -10.08
C PRO B 268 -15.74 -13.16 -10.93
N ARG B 269 -15.93 -12.15 -11.76
CA ARG B 269 -14.81 -11.48 -12.38
C ARG B 269 -14.72 -10.13 -11.73
N GLU B 270 -13.61 -9.86 -11.04
CA GLU B 270 -13.40 -8.55 -10.45
C GLU B 270 -12.90 -7.57 -11.50
N ALA B 271 -12.13 -8.05 -12.47
CA ALA B 271 -11.60 -7.15 -13.51
C ALA B 271 -12.72 -6.44 -14.23
N LEU B 272 -13.88 -7.09 -14.31
CA LEU B 272 -15.08 -6.51 -14.92
C LEU B 272 -15.44 -5.15 -14.27
N LEU B 273 -15.52 -5.15 -12.93
CA LEU B 273 -15.88 -3.96 -12.15
C LEU B 273 -14.79 -2.85 -12.19
N ALA B 274 -13.53 -3.27 -12.22
CA ALA B 274 -12.40 -2.34 -12.29
C ALA B 274 -12.42 -1.59 -13.62
N GLU B 275 -12.55 -2.35 -14.70
CA GLU B 275 -12.57 -1.81 -16.05
C GLU B 275 -13.76 -0.91 -16.27
N ALA B 276 -14.94 -1.35 -15.84
CA ALA B 276 -16.12 -0.53 -15.99
C ALA B 276 -15.84 0.79 -15.26
N ALA B 277 -15.24 0.67 -14.09
CA ALA B 277 -14.79 1.85 -13.34
C ALA B 277 -13.81 2.74 -14.13
N THR B 278 -12.82 2.14 -14.79
CA THR B 278 -11.93 2.94 -15.62
C THR B 278 -12.72 3.66 -16.72
N CYS B 279 -13.69 2.97 -17.36
CA CYS B 279 -14.55 3.62 -18.35
C CYS B 279 -15.30 4.81 -17.73
N VAL B 280 -15.89 4.59 -16.56
CA VAL B 280 -16.64 5.64 -15.87
C VAL B 280 -15.74 6.83 -15.51
N ALA B 281 -14.55 6.53 -14.98
CA ALA B 281 -13.56 7.55 -14.66
C ALA B 281 -13.26 8.37 -15.91
N GLY B 282 -13.03 7.66 -17.01
CA GLY B 282 -12.80 8.28 -18.30
C GLY B 282 -13.80 9.36 -18.59
N VAL B 283 -15.07 9.00 -18.56
CA VAL B 283 -16.17 9.91 -18.87
C VAL B 283 -16.30 11.06 -17.88
N LEU B 284 -15.78 10.87 -16.68
CA LEU B 284 -15.98 11.84 -15.61
C LEU B 284 -14.82 12.82 -15.54
N ALA B 285 -13.64 12.36 -15.95
CA ALA B 285 -12.41 13.15 -15.86
C ALA B 285 -12.56 14.61 -16.27
N ASP C 21 21.74 -7.81 25.73
CA ASP C 21 22.08 -8.54 24.50
C ASP C 21 21.79 -7.70 23.27
N LEU C 22 21.15 -6.55 23.46
CA LEU C 22 20.81 -5.65 22.35
C LEU C 22 22.06 -5.11 21.67
N ALA C 23 23.02 -4.65 22.48
CA ALA C 23 24.28 -4.14 21.94
C ALA C 23 25.01 -5.24 21.16
N ASP C 24 24.82 -6.49 21.58
CA ASP C 24 25.37 -7.63 20.85
C ASP C 24 24.78 -7.71 19.45
N ARG C 25 23.45 -7.75 19.41
CA ARG C 25 22.70 -7.82 18.18
C ARG C 25 23.01 -6.65 17.23
N PHE C 26 23.08 -5.43 17.75
CA PHE C 26 23.46 -4.31 16.91
C PHE C 26 24.85 -4.56 16.29
N ALA C 27 25.83 -4.90 17.13
CA ALA C 27 27.18 -5.20 16.66
C ALA C 27 27.15 -6.23 15.54
N GLU C 28 26.28 -7.24 15.67
CA GLU C 28 26.13 -8.27 14.66
C GLU C 28 25.61 -7.72 13.33
N LEU C 29 24.63 -6.82 13.43
CA LEU C 29 24.12 -6.08 12.27
C LEU C 29 25.21 -5.25 11.61
N GLU C 30 26.11 -4.71 12.43
CA GLU C 30 27.23 -3.94 11.94
C GLU C 30 28.20 -4.78 11.11
N ARG C 31 28.48 -5.99 11.58
CA ARG C 31 29.32 -6.96 10.88
C ARG C 31 28.70 -7.43 9.57
N ARG C 32 27.40 -7.66 9.59
CA ARG C 32 26.67 -8.19 8.43
C ARG C 32 26.56 -7.14 7.34
N TYR C 33 26.37 -5.89 7.74
CA TYR C 33 26.16 -4.85 6.76
C TYR C 33 27.36 -3.94 6.51
N ASP C 34 28.44 -4.12 7.28
CA ASP C 34 29.69 -3.41 6.98
C ASP C 34 29.43 -1.93 7.19
N ALA C 35 28.92 -1.58 8.36
CA ALA C 35 28.37 -0.25 8.56
C ALA C 35 28.56 0.13 10.01
N ARG C 36 28.73 1.41 10.29
CA ARG C 36 28.67 1.88 11.67
C ARG C 36 27.17 2.16 11.93
N LEU C 37 26.65 1.63 13.03
CA LEU C 37 25.24 1.88 13.41
C LEU C 37 25.14 2.68 14.71
N GLY C 38 24.27 3.68 14.70
CA GLY C 38 23.98 4.47 15.89
C GLY C 38 22.48 4.49 16.18
N VAL C 39 22.10 4.09 17.38
CA VAL C 39 20.68 4.05 17.75
C VAL C 39 20.42 4.84 19.04
N TYR C 40 19.41 5.71 19.01
CA TYR C 40 18.84 6.27 20.23
C TYR C 40 17.32 6.23 20.34
N VAL C 41 16.85 5.82 21.50
CA VAL C 41 15.43 5.87 21.84
C VAL C 41 15.32 6.50 23.23
N PRO C 42 14.79 7.73 23.32
CA PRO C 42 14.60 8.45 24.60
C PRO C 42 13.82 7.61 25.60
N ALA C 43 14.22 7.68 26.87
CA ALA C 43 13.49 7.02 27.94
C ALA C 43 12.09 7.58 28.14
N THR C 44 11.22 6.77 28.72
CA THR C 44 9.84 7.11 28.96
C THR C 44 9.53 6.68 30.40
N GLY C 45 8.38 7.09 30.92
CA GLY C 45 8.01 6.78 32.29
C GLY C 45 8.03 5.30 32.66
N THR C 46 8.01 4.40 31.68
CA THR C 46 8.04 2.97 32.01
C THR C 46 9.21 2.16 31.38
N THR C 47 9.95 2.78 30.46
CA THR C 47 11.03 2.09 29.74
C THR C 47 12.35 2.86 29.80
N ALA C 48 13.47 2.13 29.88
CA ALA C 48 14.79 2.77 29.84
C ALA C 48 15.11 3.37 28.45
N ALA C 49 16.12 4.22 28.40
CA ALA C 49 16.58 4.75 27.13
C ALA C 49 17.36 3.63 26.43
N ILE C 50 17.17 3.50 25.12
CA ILE C 50 17.95 2.56 24.32
C ILE C 50 19.03 3.35 23.64
N GLU C 51 20.25 2.84 23.64
CA GLU C 51 21.35 3.61 23.07
C GLU C 51 22.55 2.77 22.60
N TYR C 52 22.85 2.86 21.31
CA TYR C 52 24.02 2.23 20.72
C TYR C 52 24.79 3.30 19.98
N ARG C 53 25.96 3.66 20.47
CA ARG C 53 26.73 4.73 19.83
C ARG C 53 25.89 6.00 19.76
N ALA C 54 25.10 6.22 20.81
CA ALA C 54 24.11 7.29 20.82
C ALA C 54 24.78 8.63 20.84
N ASP C 55 26.06 8.64 21.19
CA ASP C 55 26.84 9.88 21.35
C ASP C 55 28.00 10.08 20.37
N GLU C 56 28.17 9.19 19.40
CA GLU C 56 29.19 9.35 18.37
C GLU C 56 28.57 10.21 17.29
N ARG C 57 29.39 10.91 16.53
CA ARG C 57 28.87 11.76 15.47
C ARG C 57 28.61 10.96 14.20
N PHE C 58 27.54 11.33 13.49
CA PHE C 58 27.19 10.75 12.21
C PHE C 58 26.79 11.99 11.45
N ALA C 59 26.83 11.93 10.12
CA ALA C 59 26.47 13.08 9.29
C ALA C 59 24.98 13.37 9.34
N PHE C 60 24.64 14.65 9.46
CA PHE C 60 23.25 15.08 9.53
C PHE C 60 22.46 14.58 8.33
N CYS C 61 22.84 15.04 7.14
CA CYS C 61 22.14 14.67 5.91
C CYS C 61 20.84 15.48 5.79
N SER C 62 19.80 14.84 5.25
CA SER C 62 18.52 15.51 5.04
C SER C 62 17.66 15.46 6.30
N THR C 63 18.09 14.66 7.27
CA THR C 63 17.33 14.51 8.52
C THR C 63 17.10 15.85 9.18
N PHE C 64 17.90 16.84 8.81
CA PHE C 64 17.82 18.18 9.41
C PHE C 64 16.59 18.95 8.93
N LYS C 65 16.05 18.56 7.78
CA LYS C 65 14.92 19.25 7.19
C LYS C 65 13.70 19.31 8.11
N ALA C 66 13.62 18.33 9.01
CA ALA C 66 12.57 18.29 10.00
C ALA C 66 12.60 19.50 10.99
N PRO C 67 13.69 19.63 11.76
CA PRO C 67 13.79 20.79 12.68
C PRO C 67 13.95 22.13 11.95
N LEU C 68 14.50 22.10 10.73
CA LEU C 68 14.55 23.27 9.87
C LEU C 68 13.15 23.87 9.65
N VAL C 69 12.21 23.00 9.27
CA VAL C 69 10.83 23.42 9.11
C VAL C 69 10.29 23.90 10.45
N ALA C 70 10.65 23.22 11.53
CA ALA C 70 10.21 23.62 12.85
C ALA C 70 10.72 25.01 13.20
N ALA C 71 11.96 25.28 12.82
CA ALA C 71 12.57 26.59 12.98
C ALA C 71 11.71 27.71 12.38
N VAL C 72 11.38 27.55 11.10
CA VAL C 72 10.60 28.55 10.39
C VAL C 72 9.22 28.75 10.99
N LEU C 73 8.52 27.66 11.26
CA LEU C 73 7.23 27.68 11.91
C LEU C 73 7.28 28.52 13.18
N HIS C 74 8.42 28.44 13.85
CA HIS C 74 8.62 29.05 15.15
C HIS C 74 8.83 30.58 15.12
N GLN C 75 9.56 31.06 14.12
CA GLN C 75 9.90 32.49 14.06
C GLN C 75 8.86 33.35 13.36
N ASN C 76 7.79 32.75 12.87
CA ASN C 76 6.81 33.53 12.15
C ASN C 76 5.37 33.20 12.55
N PRO C 77 4.44 34.12 12.27
CA PRO C 77 3.02 33.83 12.49
C PRO C 77 2.54 32.88 11.42
N LEU C 78 1.51 32.08 11.73
CA LEU C 78 0.91 31.19 10.72
C LEU C 78 0.70 31.84 9.34
N THR C 79 0.60 33.17 9.33
CA THR C 79 0.43 33.94 8.11
C THR C 79 1.63 33.78 7.17
N HIS C 80 2.81 33.64 7.75
CA HIS C 80 4.08 33.66 7.02
C HIS C 80 4.18 32.57 5.98
N LEU C 81 3.54 31.43 6.26
CA LEU C 81 3.63 30.26 5.38
C LEU C 81 3.10 30.57 3.97
N ASP C 82 2.07 31.39 3.90
CA ASP C 82 1.38 31.71 2.65
C ASP C 82 2.25 32.36 1.57
N LYS C 83 3.20 33.21 1.98
CA LYS C 83 3.95 34.04 1.04
C LYS C 83 4.77 33.28 -0.01
N LEU C 84 4.79 33.85 -1.21
CA LEU C 84 5.41 33.27 -2.41
C LEU C 84 6.90 33.60 -2.45
N ILE C 85 7.71 32.61 -2.81
CA ILE C 85 9.15 32.79 -3.00
C ILE C 85 9.47 32.44 -4.44
N THR C 86 10.36 33.19 -5.08
CA THR C 86 10.74 32.96 -6.48
C THR C 86 12.19 32.50 -6.64
N TYR C 87 12.40 31.47 -7.46
CA TYR C 87 13.72 30.87 -7.66
C TYR C 87 14.08 30.65 -9.13
N THR C 88 15.37 30.53 -9.42
CA THR C 88 15.87 30.38 -10.79
C THR C 88 16.63 29.07 -11.03
N SER C 89 16.43 28.48 -12.21
CA SER C 89 16.97 27.17 -12.55
C SER C 89 18.31 26.88 -11.89
N ASP C 90 19.11 27.93 -11.69
CA ASP C 90 20.44 27.76 -11.10
C ASP C 90 20.40 27.59 -9.58
N ASP C 91 19.26 27.89 -8.97
CA ASP C 91 19.05 27.67 -7.54
C ASP C 91 18.87 26.20 -7.24
N ILE C 92 18.83 25.41 -8.32
CA ILE C 92 18.62 23.98 -8.21
C ILE C 92 19.94 23.25 -8.34
N ARG C 93 20.58 23.09 -7.18
CA ARG C 93 21.86 22.39 -7.06
C ARG C 93 21.72 20.91 -6.74
N SER C 94 20.53 20.53 -6.27
CA SER C 94 20.34 19.19 -5.70
C SER C 94 19.00 18.59 -6.08
N ILE C 95 18.85 17.31 -5.80
CA ILE C 95 17.60 16.63 -6.05
C ILE C 95 16.51 17.42 -5.35
N SER C 96 15.61 17.99 -6.15
CA SER C 96 14.48 18.76 -5.65
C SER C 96 13.21 18.34 -6.38
N PRO C 97 12.65 17.16 -6.03
CA PRO C 97 11.50 16.63 -6.78
C PRO C 97 10.41 17.69 -7.07
N VAL C 98 9.95 18.39 -6.04
CA VAL C 98 8.88 19.37 -6.22
C VAL C 98 9.31 20.69 -6.88
N ALA C 99 10.44 21.23 -6.45
CA ALA C 99 10.93 22.51 -6.98
C ALA C 99 11.30 22.45 -8.47
N GLN C 100 11.76 21.29 -8.93
CA GLN C 100 12.09 21.12 -10.33
C GLN C 100 10.88 21.43 -11.21
N GLN C 101 9.70 21.38 -10.61
CA GLN C 101 8.47 21.57 -11.35
C GLN C 101 7.72 22.84 -10.98
N HIS C 102 8.39 23.81 -10.37
CA HIS C 102 7.70 25.06 -10.06
C HIS C 102 8.51 26.31 -10.32
N VAL C 103 9.69 26.17 -10.93
CA VAL C 103 10.56 27.33 -11.11
C VAL C 103 9.80 28.49 -11.72
N GLN C 104 8.89 28.15 -12.63
CA GLN C 104 8.12 29.15 -13.36
C GLN C 104 7.19 29.92 -12.41
N THR C 105 6.58 29.19 -11.49
CA THR C 105 5.52 29.74 -10.64
C THR C 105 6.04 30.13 -9.24
N GLY C 106 7.18 29.59 -8.85
CA GLY C 106 7.64 29.71 -7.49
C GLY C 106 6.68 28.97 -6.55
N MET C 107 7.00 28.94 -5.26
CA MET C 107 6.16 28.26 -4.28
C MET C 107 6.09 29.09 -3.01
N THR C 108 4.96 29.03 -2.32
CA THR C 108 4.85 29.64 -1.00
C THR C 108 5.56 28.81 0.08
N ILE C 109 6.02 29.50 1.12
CA ILE C 109 6.65 28.89 2.29
C ILE C 109 5.99 27.58 2.78
N GLY C 110 4.67 27.58 2.89
CA GLY C 110 3.95 26.39 3.25
C GLY C 110 4.24 25.21 2.34
N GLN C 111 4.43 25.46 1.05
CA GLN C 111 4.67 24.39 0.10
C GLN C 111 6.13 23.99 0.06
N LEU C 112 7.01 24.95 0.36
CA LEU C 112 8.43 24.68 0.56
C LEU C 112 8.63 23.80 1.78
N CYS C 113 7.86 24.05 2.83
CA CYS C 113 7.92 23.23 4.03
C CYS C 113 7.44 21.82 3.76
N ASP C 114 6.38 21.70 2.97
CA ASP C 114 5.81 20.40 2.63
C ASP C 114 6.75 19.60 1.73
N ALA C 115 7.40 20.28 0.79
CA ALA C 115 8.31 19.63 -0.14
C ALA C 115 9.59 19.18 0.54
N ALA C 116 10.09 20.00 1.46
CA ALA C 116 11.32 19.69 2.15
C ALA C 116 11.19 18.44 3.02
N ILE C 117 10.01 18.25 3.61
CA ILE C 117 9.80 17.10 4.49
C ILE C 117 9.41 15.82 3.73
N ARG C 118 8.32 15.90 2.97
CA ARG C 118 7.74 14.75 2.29
C ARG C 118 8.55 14.32 1.08
N TYR C 119 9.17 15.26 0.39
CA TYR C 119 9.99 14.88 -0.77
C TYR C 119 11.50 15.06 -0.59
N SER C 120 11.93 15.45 0.60
CA SER C 120 13.35 15.65 0.88
C SER C 120 13.94 16.63 -0.14
N ASP C 121 13.16 17.65 -0.45
CA ASP C 121 13.49 18.62 -1.50
C ASP C 121 14.68 19.52 -1.18
N GLY C 122 15.84 19.21 -1.75
CA GLY C 122 17.06 19.96 -1.48
C GLY C 122 16.97 21.47 -1.68
N THR C 123 16.20 21.90 -2.68
CA THR C 123 16.07 23.32 -3.00
C THR C 123 15.00 24.00 -2.14
N ALA C 124 13.97 23.26 -1.72
CA ALA C 124 13.00 23.81 -0.79
C ALA C 124 13.72 24.13 0.51
N ALA C 125 14.62 23.24 0.90
CA ALA C 125 15.39 23.39 2.13
C ALA C 125 16.35 24.60 2.07
N ASN C 126 17.03 24.77 0.94
CA ASN C 126 17.94 25.89 0.81
C ASN C 126 17.19 27.22 0.85
N LEU C 127 16.03 27.27 0.21
CA LEU C 127 15.17 28.46 0.24
C LEU C 127 14.71 28.77 1.66
N LEU C 128 14.39 27.73 2.42
CA LEU C 128 13.91 27.90 3.78
C LEU C 128 15.02 28.42 4.73
N LEU C 129 16.22 27.90 4.58
CA LEU C 129 17.34 28.38 5.39
C LEU C 129 17.50 29.88 5.20
N ALA C 130 17.71 30.28 3.95
CA ALA C 130 17.79 31.68 3.55
C ALA C 130 16.69 32.53 4.22
N ASP C 131 15.51 31.95 4.35
CA ASP C 131 14.40 32.65 5.00
C ASP C 131 14.68 32.92 6.48
N LEU C 132 15.27 31.94 7.18
CA LEU C 132 15.67 32.11 8.57
C LEU C 132 16.53 33.37 8.71
N GLY C 133 17.50 33.53 7.82
CA GLY C 133 18.28 34.76 7.74
C GLY C 133 19.66 34.69 8.38
N GLY C 134 20.43 35.76 8.21
CA GLY C 134 21.74 35.84 8.82
C GLY C 134 22.86 35.11 8.10
N PRO C 135 23.98 34.97 8.80
CA PRO C 135 25.21 34.40 8.24
C PRO C 135 25.09 32.93 7.83
N GLY C 136 25.95 32.57 6.85
CA GLY C 136 25.96 31.22 6.34
C GLY C 136 24.70 30.89 5.53
N GLY C 137 23.96 31.93 5.16
CA GLY C 137 22.72 31.75 4.42
C GLY C 137 21.58 31.18 5.27
N GLY C 138 21.68 31.42 6.58
CA GLY C 138 20.70 30.92 7.52
C GLY C 138 21.21 29.78 8.39
N THR C 139 22.30 29.13 7.97
CA THR C 139 22.84 28.00 8.73
C THR C 139 23.21 28.39 10.15
N ALA C 140 23.48 29.67 10.36
CA ALA C 140 23.76 30.18 11.69
C ALA C 140 22.46 30.28 12.51
N ALA C 141 21.44 30.92 11.94
CA ALA C 141 20.16 30.99 12.63
C ALA C 141 19.55 29.59 12.86
N PHE C 142 19.87 28.63 11.98
CA PHE C 142 19.38 27.25 12.20
C PHE C 142 20.08 26.58 13.39
N THR C 143 21.40 26.63 13.42
CA THR C 143 22.17 26.14 14.57
C THR C 143 21.69 26.75 15.90
N GLY C 144 21.33 28.04 15.86
CA GLY C 144 20.93 28.77 17.04
C GLY C 144 19.58 28.32 17.53
N TYR C 145 18.74 27.89 16.58
CA TYR C 145 17.49 27.23 16.94
C TYR C 145 17.70 25.89 17.66
N LEU C 146 18.61 25.07 17.15
CA LEU C 146 18.90 23.80 17.81
C LEU C 146 19.49 24.02 19.20
N ARG C 147 20.21 25.13 19.35
CA ARG C 147 20.84 25.47 20.62
C ARG C 147 19.76 25.83 21.60
N SER C 148 18.80 26.61 21.12
CA SER C 148 17.71 27.03 21.96
C SER C 148 16.88 25.82 22.40
N LEU C 149 16.99 24.71 21.67
CA LEU C 149 16.24 23.48 22.02
C LEU C 149 17.00 22.53 22.95
N GLY C 150 18.08 23.03 23.55
CA GLY C 150 18.92 22.22 24.42
C GLY C 150 19.97 21.42 23.67
N ASP C 151 20.07 21.63 22.36
CA ASP C 151 21.02 20.85 21.57
C ASP C 151 22.40 21.52 21.51
N THR C 152 23.31 21.04 22.36
CA THR C 152 24.64 21.62 22.42
C THR C 152 25.61 20.85 21.51
N VAL C 153 25.13 19.74 20.96
CA VAL C 153 25.97 18.79 20.21
C VAL C 153 25.99 19.01 18.69
N SER C 154 24.83 19.21 18.08
CA SER C 154 24.75 19.32 16.60
C SER C 154 25.57 20.48 16.05
N ARG C 155 25.64 20.56 14.73
CA ARG C 155 26.24 21.69 14.04
C ARG C 155 26.07 21.61 12.51
N LEU C 156 25.34 22.58 11.95
CA LEU C 156 25.17 22.71 10.51
C LEU C 156 26.03 23.86 9.96
N ASP C 157 26.95 23.56 9.05
CA ASP C 157 27.84 24.58 8.48
C ASP C 157 27.62 24.82 6.99
N ALA C 158 27.03 23.84 6.30
CA ALA C 158 26.82 23.96 4.86
C ALA C 158 25.37 23.64 4.50
N GLU C 159 25.04 23.82 3.22
CA GLU C 159 23.69 23.55 2.74
C GLU C 159 23.73 22.71 1.46
N ALA C 160 22.71 21.88 1.27
CA ALA C 160 22.62 21.03 0.10
C ALA C 160 23.21 21.73 -1.12
N PRO C 161 24.07 21.03 -1.84
CA PRO C 161 24.43 19.65 -1.49
C PRO C 161 25.60 19.61 -0.51
N GLU C 162 26.83 19.71 -1.04
CA GLU C 162 28.02 19.70 -0.20
C GLU C 162 27.81 18.93 1.10
N LEU C 163 27.31 19.63 2.10
CA LEU C 163 27.12 19.04 3.43
C LEU C 163 27.09 17.51 3.40
N ASN C 164 26.36 16.96 2.44
CA ASN C 164 26.22 15.51 2.32
C ASN C 164 27.55 14.83 1.96
N ARG C 165 28.45 15.57 1.33
CA ARG C 165 29.74 15.01 0.94
C ARG C 165 30.89 15.59 1.76
N ASP C 166 30.83 15.40 3.07
CA ASP C 166 31.88 15.88 3.96
C ASP C 166 32.70 14.72 4.52
N PRO C 167 33.96 14.64 4.12
CA PRO C 167 34.84 13.54 4.54
C PRO C 167 34.48 13.03 5.92
N PRO C 168 34.89 11.79 6.21
CA PRO C 168 34.64 11.17 7.52
C PRO C 168 35.51 11.80 8.60
N GLY C 169 34.98 11.90 9.82
CA GLY C 169 35.70 12.48 10.92
C GLY C 169 35.69 14.00 10.90
N ASP C 170 34.76 14.56 10.13
CA ASP C 170 34.65 16.01 10.01
C ASP C 170 33.44 16.54 10.78
N GLU C 171 33.68 17.02 11.99
CA GLU C 171 32.62 17.56 12.83
C GLU C 171 31.53 18.36 12.06
N ARG C 172 31.87 18.91 10.90
CA ARG C 172 30.91 19.72 10.14
C ARG C 172 29.69 18.95 9.64
N ASP C 173 28.50 19.52 9.87
CA ASP C 173 27.22 18.92 9.44
C ASP C 173 26.88 17.57 10.08
N THR C 174 27.37 17.35 11.30
CA THR C 174 27.11 16.11 11.99
C THR C 174 26.31 16.37 13.23
N THR C 175 25.62 15.32 13.68
CA THR C 175 25.02 15.30 15.01
C THR C 175 25.26 13.93 15.64
N THR C 176 24.56 13.65 16.74
CA THR C 176 24.56 12.32 17.31
C THR C 176 23.13 11.74 17.30
N PRO C 177 22.99 10.43 17.43
CA PRO C 177 21.65 9.84 17.60
C PRO C 177 20.94 10.41 18.83
N HIS C 178 21.60 10.35 19.98
CA HIS C 178 21.13 11.02 21.20
C HIS C 178 20.60 12.44 20.92
N ALA C 179 21.46 13.31 20.39
CA ALA C 179 21.11 14.72 20.20
C ALA C 179 19.83 14.92 19.39
N ILE C 180 19.82 14.35 18.18
CA ILE C 180 18.74 14.53 17.22
C ILE C 180 17.42 13.92 17.70
N ALA C 181 17.51 12.85 18.49
CA ALA C 181 16.35 12.25 19.12
C ALA C 181 15.69 13.20 20.12
N LEU C 182 16.50 13.81 21.00
CA LEU C 182 15.97 14.77 21.94
C LEU C 182 15.30 15.99 21.26
N VAL C 183 15.85 16.44 20.14
CA VAL C 183 15.21 17.50 19.36
C VAL C 183 13.81 17.10 18.87
N LEU C 184 13.72 15.95 18.22
CA LEU C 184 12.46 15.50 17.64
C LEU C 184 11.34 15.26 18.67
N GLN C 185 11.73 14.75 19.83
CA GLN C 185 10.80 14.47 20.91
C GLN C 185 10.14 15.75 21.42
N GLN C 186 10.88 16.86 21.35
CA GLN C 186 10.34 18.15 21.79
C GLN C 186 9.44 18.78 20.74
N LEU C 187 9.86 18.65 19.49
CA LEU C 187 9.13 19.17 18.36
C LEU C 187 7.77 18.51 18.18
N VAL C 188 7.69 17.23 18.48
CA VAL C 188 6.54 16.42 18.12
C VAL C 188 5.71 15.98 19.32
N LEU C 189 6.37 15.60 20.40
CA LEU C 189 5.66 15.13 21.60
C LEU C 189 5.71 16.18 22.71
N GLY C 190 6.68 17.08 22.61
CA GLY C 190 6.87 18.14 23.58
C GLY C 190 6.20 19.43 23.17
N ASN C 191 6.58 20.52 23.84
CA ASN C 191 5.93 21.82 23.66
C ASN C 191 6.81 22.88 22.95
N ALA C 192 7.82 22.42 22.23
CA ALA C 192 8.65 23.31 21.43
C ALA C 192 7.84 24.14 20.40
N LEU C 193 6.58 23.76 20.19
CA LEU C 193 5.66 24.48 19.30
C LEU C 193 4.21 24.46 19.80
N PRO C 194 3.47 25.58 19.60
CA PRO C 194 2.04 25.62 19.92
C PRO C 194 1.26 24.59 19.11
N PRO C 195 0.20 24.02 19.69
CA PRO C 195 -0.51 22.89 19.09
C PRO C 195 -0.82 23.04 17.59
N ASP C 196 -1.15 24.22 17.11
CA ASP C 196 -1.49 24.36 15.69
C ASP C 196 -0.29 24.13 14.78
N LYS C 197 0.86 24.69 15.16
CA LYS C 197 2.09 24.52 14.41
C LYS C 197 2.71 23.13 14.60
N ARG C 198 2.46 22.51 15.74
CA ARG C 198 2.97 21.18 15.95
C ARG C 198 2.22 20.22 15.02
N ALA C 199 0.90 20.35 14.97
CA ALA C 199 0.08 19.52 14.08
C ALA C 199 0.49 19.65 12.63
N LEU C 200 1.01 20.81 12.24
CA LEU C 200 1.47 20.96 10.87
C LEU C 200 2.65 20.03 10.64
N LEU C 201 3.76 20.29 11.34
CA LEU C 201 4.97 19.49 11.24
C LEU C 201 4.67 17.98 11.31
N THR C 202 3.83 17.58 12.27
CA THR C 202 3.51 16.19 12.43
C THR C 202 2.79 15.64 11.21
N ASP C 203 1.92 16.46 10.63
CA ASP C 203 1.11 16.04 9.51
C ASP C 203 1.99 15.77 8.30
N TRP C 204 2.88 16.72 8.03
CA TRP C 204 3.86 16.58 6.96
C TRP C 204 4.74 15.34 7.14
N MET C 205 5.15 15.06 8.35
CA MET C 205 6.04 13.93 8.53
C MET C 205 5.28 12.64 8.32
N ALA C 206 4.03 12.61 8.79
CA ALA C 206 3.19 11.43 8.73
C ALA C 206 2.88 11.03 7.28
N ARG C 207 2.92 12.01 6.39
CA ARG C 207 2.63 11.78 4.97
C ARG C 207 3.91 11.86 4.15
N ASN C 208 5.03 11.59 4.83
CA ASN C 208 6.32 11.50 4.19
C ASN C 208 6.38 10.31 3.25
N THR C 209 7.09 10.51 2.14
CA THR C 209 7.05 9.54 1.05
C THR C 209 8.39 8.81 0.85
N THR C 210 9.34 9.00 1.77
CA THR C 210 10.71 8.53 1.57
C THR C 210 11.21 7.37 2.48
N GLY C 211 10.54 7.09 3.60
CA GLY C 211 11.03 6.10 4.55
C GLY C 211 10.30 4.77 4.65
N ALA C 212 9.61 4.37 3.59
CA ALA C 212 8.84 3.12 3.56
C ALA C 212 9.70 1.87 3.72
N LYS C 213 11.01 2.05 3.54
CA LYS C 213 11.96 0.95 3.61
C LYS C 213 12.95 1.07 4.76
N ARG C 214 12.58 1.79 5.80
CA ARG C 214 13.48 1.99 6.94
C ARG C 214 12.83 1.68 8.27
N ILE C 215 12.52 2.70 9.07
CA ILE C 215 11.88 2.45 10.35
C ILE C 215 10.43 1.93 10.18
N ARG C 216 9.78 2.34 9.09
CA ARG C 216 8.43 1.87 8.82
C ARG C 216 8.43 0.40 8.38
N ALA C 217 9.53 -0.02 7.78
CA ALA C 217 9.66 -1.37 7.28
C ALA C 217 9.91 -2.36 8.41
N GLY C 218 10.56 -1.86 9.44
CA GLY C 218 11.02 -2.70 10.52
C GLY C 218 10.12 -2.70 11.70
N PHE C 219 9.00 -1.99 11.62
CA PHE C 219 8.01 -2.05 12.69
C PHE C 219 6.79 -2.85 12.25
N PRO C 220 6.06 -3.45 13.21
CA PRO C 220 4.78 -4.01 12.78
C PRO C 220 3.91 -2.90 12.21
N ALA C 221 3.07 -3.25 11.23
CA ALA C 221 2.17 -2.29 10.58
C ALA C 221 1.08 -1.69 11.50
N ASP C 222 0.73 -2.36 12.59
CA ASP C 222 -0.21 -1.74 13.51
C ASP C 222 0.45 -0.68 14.41
N TRP C 223 1.77 -0.55 14.35
CA TRP C 223 2.48 0.57 15.00
C TRP C 223 2.38 1.74 14.05
N LYS C 224 1.94 2.90 14.55
CA LYS C 224 1.95 4.07 13.68
C LYS C 224 3.39 4.62 13.62
N VAL C 225 3.81 5.04 12.43
CA VAL C 225 5.16 5.58 12.23
C VAL C 225 5.15 6.83 11.34
N ILE C 226 5.59 7.96 11.88
CA ILE C 226 5.91 9.14 11.06
C ILE C 226 7.44 9.31 11.06
N ASP C 227 8.00 9.87 10.00
CA ASP C 227 9.47 9.92 9.93
C ASP C 227 10.10 11.03 9.04
N LYS C 228 11.41 11.18 9.17
CA LYS C 228 12.19 11.94 8.20
C LYS C 228 13.50 11.21 7.91
N THR C 229 13.75 10.91 6.64
CA THR C 229 14.98 10.21 6.26
C THR C 229 16.14 11.15 5.92
N GLY C 230 17.30 10.56 5.69
CA GLY C 230 18.52 11.27 5.39
C GLY C 230 19.41 10.31 4.62
N THR C 231 20.09 10.83 3.59
CA THR C 231 20.95 9.99 2.76
C THR C 231 22.06 10.81 2.12
N GLY C 232 23.19 10.13 1.87
CA GLY C 232 24.36 10.76 1.29
C GLY C 232 25.38 9.71 0.90
N ASP C 233 26.62 10.16 0.62
CA ASP C 233 27.69 9.26 0.21
C ASP C 233 28.33 8.58 1.41
N TYR C 234 29.36 7.78 1.15
CA TYR C 234 30.01 7.03 2.20
C TYR C 234 28.97 6.12 2.84
N GLY C 235 27.98 5.75 2.03
CA GLY C 235 26.95 4.85 2.47
C GLY C 235 26.08 5.36 3.61
N ARG C 236 25.83 6.66 3.65
CA ARG C 236 25.01 7.24 4.70
C ARG C 236 23.52 6.97 4.56
N ALA C 237 22.91 6.58 5.68
CA ALA C 237 21.49 6.26 5.72
C ALA C 237 20.95 6.55 7.13
N ASN C 238 20.11 7.55 7.26
CA ASN C 238 19.48 7.87 8.53
C ASN C 238 17.95 7.80 8.50
N ASP C 239 17.35 7.63 9.67
CA ASP C 239 15.91 7.76 9.79
C ASP C 239 15.59 8.19 11.20
N ILE C 240 14.95 9.33 11.34
CA ILE C 240 14.41 9.73 12.63
C ILE C 240 12.89 9.60 12.56
N ALA C 241 12.32 8.88 13.51
CA ALA C 241 10.92 8.54 13.50
C ALA C 241 10.26 8.76 14.85
N VAL C 242 8.95 8.97 14.84
CA VAL C 242 8.14 8.90 16.05
C VAL C 242 7.15 7.75 15.83
N VAL C 243 7.06 6.86 16.81
CA VAL C 243 6.29 5.64 16.64
C VAL C 243 5.26 5.52 17.75
N TRP C 244 4.11 4.92 17.44
CA TRP C 244 3.10 4.64 18.46
C TRP C 244 2.80 3.14 18.53
N SER C 245 2.87 2.57 19.73
CA SER C 245 2.46 1.18 19.91
C SER C 245 0.99 1.06 19.55
N PRO C 246 0.50 -0.17 19.33
CA PRO C 246 -0.92 -0.30 18.91
C PRO C 246 -1.91 0.34 19.92
N THR C 247 -1.48 0.53 21.17
CA THR C 247 -2.27 1.19 22.22
C THR C 247 -2.01 2.69 22.32
N GLY C 248 -1.38 3.25 21.28
CA GLY C 248 -1.09 4.67 21.23
C GLY C 248 0.01 5.24 22.13
N VAL C 249 0.87 4.39 22.68
CA VAL C 249 2.03 4.85 23.47
C VAL C 249 3.21 5.28 22.57
N PRO C 250 3.67 6.54 22.68
CA PRO C 250 4.64 7.07 21.71
C PRO C 250 6.11 6.82 22.06
N TYR C 251 6.97 6.71 21.05
CA TYR C 251 8.43 6.62 21.27
C TYR C 251 9.15 7.34 20.13
N VAL C 252 10.29 7.93 20.44
CA VAL C 252 11.15 8.56 19.43
C VAL C 252 12.32 7.61 19.06
N VAL C 253 12.47 7.34 17.77
CA VAL C 253 13.50 6.40 17.30
C VAL C 253 14.46 7.05 16.30
N ALA C 254 15.67 7.33 16.75
CA ALA C 254 16.71 7.86 15.86
C ALA C 254 17.65 6.74 15.49
N VAL C 255 17.76 6.46 14.20
CA VAL C 255 18.80 5.56 13.73
C VAL C 255 19.68 6.25 12.68
N MET C 256 21.00 6.14 12.86
CA MET C 256 21.93 6.69 11.88
C MET C 256 22.97 5.67 11.52
N SER C 257 23.49 5.75 10.30
CA SER C 257 24.52 4.81 9.92
C SER C 257 25.38 5.35 8.80
N ASP C 258 26.50 4.68 8.57
CA ASP C 258 27.26 4.85 7.34
C ASP C 258 28.20 3.69 7.11
N ARG C 259 28.77 3.68 5.92
CA ARG C 259 29.77 2.71 5.53
C ARG C 259 30.96 3.45 4.92
N ALA C 260 31.63 4.27 5.73
CA ALA C 260 32.69 5.16 5.23
C ALA C 260 33.96 4.45 4.73
N GLY C 261 34.33 3.35 5.37
CA GLY C 261 35.44 2.54 4.92
C GLY C 261 35.38 2.22 3.43
N GLY C 262 34.17 2.04 2.90
CA GLY C 262 33.96 1.79 1.48
C GLY C 262 34.16 3.01 0.61
N GLY C 263 34.58 4.10 1.23
CA GLY C 263 34.78 5.34 0.52
C GLY C 263 33.54 6.02 0.00
N TYR C 264 33.80 7.13 -0.67
CA TYR C 264 32.78 8.06 -1.12
C TYR C 264 31.62 7.39 -1.83
N ASP C 265 31.91 6.36 -2.61
CA ASP C 265 30.87 5.71 -3.42
C ASP C 265 30.16 4.54 -2.73
N ALA C 266 30.47 4.30 -1.47
CA ALA C 266 29.80 3.25 -0.71
C ALA C 266 28.29 3.38 -0.88
N GLU C 267 27.62 2.25 -1.08
CA GLU C 267 26.16 2.23 -1.16
C GLU C 267 25.53 2.13 0.23
N PRO C 268 24.52 2.97 0.49
CA PRO C 268 23.70 2.85 1.71
C PRO C 268 23.05 1.46 1.76
N ARG C 269 22.84 0.92 2.94
CA ARG C 269 22.07 -0.33 3.08
C ARG C 269 20.83 -0.07 3.93
N GLU C 270 19.68 0.12 3.27
CA GLU C 270 18.46 0.43 4.03
C GLU C 270 18.00 -0.72 4.94
N ALA C 271 18.41 -1.95 4.63
CA ALA C 271 17.98 -3.14 5.40
C ALA C 271 18.62 -3.11 6.79
N LEU C 272 19.76 -2.43 6.88
CA LEU C 272 20.37 -2.17 8.15
C LEU C 272 19.38 -1.46 9.07
N LEU C 273 18.80 -0.35 8.61
CA LEU C 273 17.83 0.44 9.38
C LEU C 273 16.49 -0.31 9.64
N ALA C 274 16.00 -1.04 8.64
CA ALA C 274 14.80 -1.84 8.86
C ALA C 274 15.03 -2.88 9.95
N GLU C 275 16.20 -3.52 9.95
CA GLU C 275 16.53 -4.54 10.94
C GLU C 275 16.68 -3.97 12.34
N ALA C 276 17.42 -2.88 12.48
CA ALA C 276 17.67 -2.25 13.76
C ALA C 276 16.34 -1.85 14.40
N ALA C 277 15.44 -1.38 13.54
CA ALA C 277 14.11 -0.97 13.95
C ALA C 277 13.31 -2.16 14.47
N THR C 278 13.52 -3.34 13.89
CA THR C 278 12.87 -4.57 14.37
C THR C 278 13.45 -5.01 15.72
N CYS C 279 14.75 -4.82 15.94
CA CYS C 279 15.36 -5.11 17.22
C CYS C 279 14.80 -4.19 18.30
N VAL C 280 14.72 -2.91 17.98
CA VAL C 280 14.16 -1.90 18.88
C VAL C 280 12.69 -2.19 19.24
N ALA C 281 11.85 -2.38 18.23
CA ALA C 281 10.48 -2.79 18.42
C ALA C 281 10.40 -3.96 19.41
N GLY C 282 11.21 -4.99 19.15
CA GLY C 282 11.32 -6.13 20.04
C GLY C 282 11.36 -5.69 21.49
N VAL C 283 12.23 -4.74 21.77
CA VAL C 283 12.47 -4.27 23.13
C VAL C 283 11.32 -3.41 23.72
N LEU C 284 10.55 -2.75 22.86
CA LEU C 284 9.46 -1.90 23.30
C LEU C 284 8.14 -2.66 23.37
N ALA C 285 8.10 -3.81 22.72
CA ALA C 285 6.88 -4.64 22.62
C ALA C 285 6.15 -4.81 23.95
N ASP D 21 -17.02 11.23 -28.71
CA ASP D 21 -17.20 12.33 -27.78
C ASP D 21 -15.87 12.62 -27.11
N LEU D 22 -14.84 11.94 -27.59
CA LEU D 22 -13.48 12.12 -27.08
C LEU D 22 -12.94 13.50 -27.47
N ALA D 23 -13.13 13.84 -28.74
CA ALA D 23 -12.74 15.16 -29.25
C ALA D 23 -13.44 16.28 -28.47
N ASP D 24 -14.68 16.02 -28.08
CA ASP D 24 -15.48 17.02 -27.38
C ASP D 24 -15.03 17.17 -25.95
N ARG D 25 -14.36 16.14 -25.45
CA ARG D 25 -13.85 16.15 -24.11
C ARG D 25 -12.43 16.71 -24.07
N PHE D 26 -11.64 16.38 -25.10
CA PHE D 26 -10.36 17.04 -25.30
C PHE D 26 -10.56 18.54 -25.56
N ALA D 27 -11.66 18.87 -26.22
CA ALA D 27 -12.02 20.25 -26.51
C ALA D 27 -12.47 20.98 -25.25
N GLU D 28 -13.04 20.25 -24.29
CA GLU D 28 -13.43 20.86 -23.02
C GLU D 28 -12.26 20.99 -22.06
N LEU D 29 -11.38 20.00 -22.10
CA LEU D 29 -10.19 20.05 -21.28
C LEU D 29 -9.36 21.24 -21.73
N GLU D 30 -9.59 21.68 -22.97
CA GLU D 30 -8.90 22.83 -23.52
C GLU D 30 -9.43 24.16 -23.00
N ARG D 31 -10.74 24.35 -22.98
CA ARG D 31 -11.27 25.62 -22.46
C ARG D 31 -11.15 25.73 -20.95
N ARG D 32 -11.36 24.61 -20.24
CA ARG D 32 -11.21 24.57 -18.78
C ARG D 32 -9.81 24.96 -18.32
N TYR D 33 -8.82 24.81 -19.20
CA TYR D 33 -7.45 25.10 -18.83
C TYR D 33 -6.88 26.29 -19.59
N ASP D 34 -7.67 26.87 -20.47
CA ASP D 34 -7.17 27.90 -21.37
C ASP D 34 -5.84 27.39 -21.95
N ALA D 35 -5.84 26.17 -22.48
CA ALA D 35 -4.63 25.59 -23.08
C ALA D 35 -4.90 24.90 -24.42
N ARG D 36 -3.82 24.54 -25.12
CA ARG D 36 -3.92 23.77 -26.35
C ARG D 36 -3.38 22.35 -26.16
N LEU D 37 -4.22 21.36 -26.46
CA LEU D 37 -3.92 19.97 -26.15
C LEU D 37 -3.63 19.11 -27.38
N GLY D 38 -2.49 18.44 -27.36
CA GLY D 38 -2.10 17.47 -28.37
C GLY D 38 -2.03 16.08 -27.75
N VAL D 39 -2.72 15.13 -28.37
CA VAL D 39 -2.77 13.75 -27.90
C VAL D 39 -2.59 12.74 -29.04
N TYR D 40 -1.71 11.77 -28.84
CA TYR D 40 -1.63 10.65 -29.77
C TYR D 40 -1.37 9.30 -29.11
N VAL D 41 -2.19 8.31 -29.46
CA VAL D 41 -1.92 6.92 -29.09
C VAL D 41 -1.93 6.04 -30.34
N PRO D 42 -0.75 5.48 -30.71
CA PRO D 42 -0.65 4.67 -31.92
C PRO D 42 -1.72 3.56 -31.95
N ALA D 43 -2.32 3.33 -33.12
CA ALA D 43 -3.21 2.19 -33.30
C ALA D 43 -2.53 0.89 -32.87
N THR D 44 -3.32 -0.05 -32.35
CA THR D 44 -2.85 -1.40 -32.07
C THR D 44 -3.79 -2.39 -32.76
N GLY D 45 -3.40 -3.67 -32.75
CA GLY D 45 -4.22 -4.72 -33.34
C GLY D 45 -5.69 -4.74 -32.97
N THR D 46 -6.04 -4.21 -31.79
CA THR D 46 -7.42 -4.25 -31.32
C THR D 46 -7.98 -2.87 -30.97
N THR D 47 -7.21 -1.83 -31.29
CA THR D 47 -7.64 -0.46 -31.02
C THR D 47 -7.29 0.46 -32.18
N ALA D 48 -8.13 1.46 -32.42
CA ALA D 48 -7.80 2.50 -33.38
C ALA D 48 -6.79 3.47 -32.75
N ALA D 49 -6.14 4.28 -33.57
CA ALA D 49 -5.30 5.30 -33.03
C ALA D 49 -6.21 6.37 -32.39
N ILE D 50 -5.72 6.96 -31.30
CA ILE D 50 -6.38 8.10 -30.71
C ILE D 50 -5.61 9.32 -31.13
N GLU D 51 -6.30 10.37 -31.56
CA GLU D 51 -5.60 11.56 -32.03
C GLU D 51 -6.41 12.84 -31.83
N TYR D 52 -5.78 13.83 -31.19
CA TYR D 52 -6.34 15.18 -31.09
C TYR D 52 -5.18 16.13 -31.35
N ARG D 53 -5.28 16.92 -32.42
CA ARG D 53 -4.25 17.90 -32.74
C ARG D 53 -2.91 17.17 -32.87
N ALA D 54 -2.99 15.87 -33.19
CA ALA D 54 -1.83 14.98 -33.16
C ALA D 54 -0.73 15.36 -34.13
N ASP D 55 -1.04 16.20 -35.12
CA ASP D 55 -0.08 16.59 -36.17
C ASP D 55 0.26 18.08 -36.14
N GLU D 56 -0.20 18.78 -35.11
CA GLU D 56 0.20 20.15 -34.87
C GLU D 56 1.51 20.10 -34.11
N ARG D 57 2.34 21.12 -34.32
CA ARG D 57 3.65 21.16 -33.68
C ARG D 57 3.59 21.64 -32.23
N PHE D 58 4.40 21.00 -31.41
CA PHE D 58 4.54 21.38 -30.00
C PHE D 58 6.00 21.39 -29.66
N ALA D 59 6.37 22.19 -28.67
CA ALA D 59 7.75 22.29 -28.24
C ALA D 59 8.22 21.02 -27.56
N PHE D 60 9.21 20.36 -28.15
CA PHE D 60 9.85 19.21 -27.55
C PHE D 60 10.00 19.41 -26.05
N CYS D 61 10.78 20.41 -25.68
CA CYS D 61 11.14 20.64 -24.29
C CYS D 61 12.12 19.54 -23.86
N SER D 62 11.90 18.99 -22.66
CA SER D 62 12.79 17.96 -22.14
C SER D 62 12.41 16.57 -22.64
N THR D 63 11.37 16.50 -23.47
CA THR D 63 10.90 15.22 -23.99
C THR D 63 11.88 14.60 -24.99
N PHE D 64 12.71 15.43 -25.60
CA PHE D 64 13.66 14.96 -26.59
C PHE D 64 14.79 14.16 -25.95
N LYS D 65 14.97 14.34 -24.65
CA LYS D 65 16.06 13.69 -23.94
C LYS D 65 15.97 12.16 -24.02
N ALA D 66 14.73 11.65 -24.18
CA ALA D 66 14.50 10.21 -24.25
C ALA D 66 15.07 9.56 -25.52
N PRO D 67 14.61 9.98 -26.72
CA PRO D 67 15.29 9.49 -27.95
C PRO D 67 16.76 9.95 -28.04
N LEU D 68 17.11 11.05 -27.37
CA LEU D 68 18.50 11.51 -27.35
C LEU D 68 19.43 10.42 -26.82
N VAL D 69 18.98 9.74 -25.78
CA VAL D 69 19.75 8.66 -25.15
C VAL D 69 19.79 7.42 -26.04
N ALA D 70 18.76 7.24 -26.86
CA ALA D 70 18.73 6.10 -27.76
C ALA D 70 19.74 6.36 -28.88
N ALA D 71 19.77 7.61 -29.34
CA ALA D 71 20.79 8.07 -30.26
C ALA D 71 22.16 7.59 -29.78
N VAL D 72 22.51 7.96 -28.56
CA VAL D 72 23.84 7.69 -28.00
C VAL D 72 24.11 6.20 -27.82
N LEU D 73 23.08 5.46 -27.43
CA LEU D 73 23.21 4.02 -27.24
C LEU D 73 23.35 3.29 -28.57
N HIS D 74 22.84 3.90 -29.63
CA HIS D 74 22.82 3.29 -30.94
C HIS D 74 24.11 3.48 -31.68
N GLN D 75 24.66 4.68 -31.60
CA GLN D 75 25.87 5.03 -32.34
C GLN D 75 27.15 4.59 -31.65
N ASN D 76 27.01 3.94 -30.49
CA ASN D 76 28.17 3.54 -29.71
C ASN D 76 28.06 2.14 -29.12
N PRO D 77 29.20 1.53 -28.84
CA PRO D 77 29.23 0.20 -28.21
C PRO D 77 28.86 0.36 -26.74
N LEU D 78 28.23 -0.66 -26.15
CA LEU D 78 27.84 -0.62 -24.74
C LEU D 78 29.00 -0.14 -23.86
N THR D 79 30.21 -0.32 -24.37
CA THR D 79 31.44 0.04 -23.69
C THR D 79 31.53 1.54 -23.45
N HIS D 80 30.95 2.30 -24.35
CA HIS D 80 31.06 3.75 -24.36
C HIS D 80 30.39 4.42 -23.14
N LEU D 81 29.44 3.73 -22.50
CA LEU D 81 28.72 4.30 -21.36
C LEU D 81 29.63 4.63 -20.18
N ASP D 82 30.84 4.06 -20.18
CA ASP D 82 31.78 4.22 -19.07
C ASP D 82 32.72 5.40 -19.29
N LYS D 83 32.73 5.95 -20.50
CA LYS D 83 33.59 7.08 -20.83
C LYS D 83 33.29 8.27 -19.91
N LEU D 84 34.34 8.91 -19.38
CA LEU D 84 34.15 10.01 -18.42
C LEU D 84 34.14 11.39 -19.07
N ILE D 85 33.02 12.09 -18.93
CA ILE D 85 32.88 13.42 -19.52
C ILE D 85 33.17 14.49 -18.48
N THR D 86 34.06 15.40 -18.83
CA THR D 86 34.46 16.45 -17.91
C THR D 86 33.94 17.80 -18.37
N TYR D 87 33.38 18.54 -17.42
CA TYR D 87 32.80 19.85 -17.72
C TYR D 87 33.07 20.83 -16.59
N THR D 88 32.73 22.08 -16.85
CA THR D 88 32.99 23.15 -15.89
C THR D 88 31.68 23.77 -15.42
N SER D 89 31.78 24.64 -14.43
CA SER D 89 30.60 25.30 -13.89
C SER D 89 29.95 26.25 -14.88
N ASP D 90 30.68 26.69 -15.90
CA ASP D 90 30.09 27.56 -16.91
C ASP D 90 29.30 26.78 -17.98
N ASP D 91 29.58 25.49 -18.07
CA ASP D 91 28.88 24.58 -18.98
C ASP D 91 27.42 24.39 -18.56
N ILE D 92 27.07 24.94 -17.41
CA ILE D 92 25.78 24.71 -16.77
C ILE D 92 24.81 25.85 -17.06
N ARG D 93 24.10 25.71 -18.20
CA ARG D 93 23.15 26.72 -18.68
C ARG D 93 21.72 26.63 -18.10
N SER D 94 21.23 25.41 -17.89
CA SER D 94 19.82 25.17 -17.56
C SER D 94 19.70 24.45 -16.22
N ILE D 95 18.46 24.08 -15.87
CA ILE D 95 18.23 23.38 -14.62
C ILE D 95 18.93 22.04 -14.69
N SER D 96 19.95 21.87 -13.85
CA SER D 96 20.78 20.68 -13.83
C SER D 96 20.97 20.12 -12.41
N PRO D 97 19.94 19.43 -11.91
CA PRO D 97 19.86 18.91 -10.53
C PRO D 97 20.92 17.84 -10.22
N VAL D 98 21.59 17.31 -11.24
CA VAL D 98 22.62 16.30 -11.00
C VAL D 98 24.00 16.79 -11.43
N ALA D 99 24.07 17.35 -12.63
CA ALA D 99 25.33 17.81 -13.20
C ALA D 99 25.91 18.97 -12.40
N GLN D 100 25.04 19.64 -11.64
CA GLN D 100 25.45 20.72 -10.75
C GLN D 100 26.37 20.18 -9.67
N GLN D 101 26.08 18.95 -9.23
CA GLN D 101 26.78 18.34 -8.12
C GLN D 101 27.90 17.39 -8.56
N HIS D 102 28.49 17.60 -9.73
CA HIS D 102 29.55 16.70 -10.19
C HIS D 102 30.59 17.38 -11.03
N VAL D 103 30.61 18.71 -10.99
CA VAL D 103 31.55 19.50 -11.79
C VAL D 103 32.99 19.02 -11.59
N GLN D 104 33.30 18.62 -10.36
CA GLN D 104 34.62 18.15 -9.99
C GLN D 104 34.93 16.73 -10.50
N THR D 105 33.97 15.82 -10.34
CA THR D 105 34.18 14.44 -10.73
C THR D 105 33.90 14.16 -12.23
N GLY D 106 33.17 15.07 -12.88
CA GLY D 106 32.64 14.78 -14.20
C GLY D 106 31.67 13.62 -14.08
N MET D 107 31.03 13.24 -15.19
CA MET D 107 30.10 12.11 -15.14
C MET D 107 30.33 11.18 -16.32
N THR D 108 30.08 9.88 -16.16
CA THR D 108 30.17 8.99 -17.31
C THR D 108 28.96 9.24 -18.20
N ILE D 109 29.09 8.96 -19.49
CA ILE D 109 27.94 9.05 -20.39
C ILE D 109 26.76 8.31 -19.73
N GLY D 110 27.00 7.06 -19.34
CA GLY D 110 26.02 6.28 -18.61
C GLY D 110 25.27 7.06 -17.53
N GLN D 111 25.98 7.89 -16.78
CA GLN D 111 25.40 8.69 -15.70
C GLN D 111 24.68 9.94 -16.23
N LEU D 112 25.19 10.49 -17.33
CA LEU D 112 24.56 11.64 -17.98
C LEU D 112 23.24 11.19 -18.56
N CYS D 113 23.23 9.98 -19.12
CA CYS D 113 22.03 9.33 -19.61
C CYS D 113 20.99 9.24 -18.52
N ASP D 114 21.44 8.80 -17.35
CA ASP D 114 20.56 8.57 -16.21
C ASP D 114 19.99 9.88 -15.68
N ALA D 115 20.80 10.93 -15.73
CA ALA D 115 20.38 12.25 -15.29
C ALA D 115 19.43 12.89 -16.29
N ALA D 116 19.73 12.67 -17.57
CA ALA D 116 18.99 13.31 -18.65
C ALA D 116 17.53 12.87 -18.68
N ILE D 117 17.30 11.62 -18.32
CA ILE D 117 15.97 11.02 -18.36
C ILE D 117 15.22 11.14 -17.04
N ARG D 118 15.87 10.68 -15.97
CA ARG D 118 15.23 10.61 -14.66
C ARG D 118 15.10 11.99 -14.01
N TYR D 119 15.95 12.94 -14.40
CA TYR D 119 15.87 14.24 -13.76
C TYR D 119 15.72 15.40 -14.72
N SER D 120 15.71 15.10 -16.02
CA SER D 120 15.54 16.16 -17.01
C SER D 120 16.77 17.12 -16.99
N ASP D 121 17.94 16.56 -16.69
CA ASP D 121 19.16 17.36 -16.50
C ASP D 121 19.64 18.16 -17.73
N GLY D 122 19.40 19.46 -17.71
CA GLY D 122 19.82 20.34 -18.79
C GLY D 122 21.25 20.16 -19.26
N THR D 123 22.18 20.09 -18.31
CA THR D 123 23.60 19.94 -18.64
C THR D 123 23.93 18.52 -19.14
N ALA D 124 23.41 17.51 -18.47
CA ALA D 124 23.56 16.14 -18.94
C ALA D 124 23.08 16.01 -20.38
N ALA D 125 22.04 16.76 -20.74
CA ALA D 125 21.52 16.72 -22.11
C ALA D 125 22.50 17.39 -23.07
N ASN D 126 22.89 18.63 -22.78
CA ASN D 126 23.87 19.33 -23.58
C ASN D 126 25.19 18.58 -23.74
N LEU D 127 25.61 17.87 -22.71
CA LEU D 127 26.79 17.03 -22.82
C LEU D 127 26.58 15.90 -23.81
N LEU D 128 25.42 15.24 -23.73
CA LEU D 128 25.11 14.10 -24.60
C LEU D 128 24.92 14.47 -26.07
N LEU D 129 24.26 15.60 -26.32
CA LEU D 129 24.14 16.12 -27.67
C LEU D 129 25.54 16.28 -28.24
N ALA D 130 26.43 16.90 -27.48
CA ALA D 130 27.77 17.19 -27.96
C ALA D 130 28.57 15.90 -28.17
N ASP D 131 28.11 14.80 -27.58
CA ASP D 131 28.75 13.52 -27.79
C ASP D 131 28.29 12.84 -29.10
N LEU D 132 27.22 13.38 -29.71
CA LEU D 132 26.76 12.92 -31.02
C LEU D 132 27.54 13.59 -32.15
N GLY D 133 27.84 14.89 -31.98
CA GLY D 133 28.78 15.57 -32.85
C GLY D 133 28.20 16.55 -33.85
N GLY D 134 29.10 17.22 -34.57
CA GLY D 134 28.74 18.05 -35.69
C GLY D 134 28.12 19.40 -35.38
N PRO D 135 27.71 20.08 -36.45
CA PRO D 135 27.07 21.39 -36.38
C PRO D 135 25.96 21.49 -35.34
N GLY D 136 25.66 22.71 -34.87
CA GLY D 136 24.64 22.91 -33.86
C GLY D 136 24.97 22.25 -32.52
N GLY D 137 26.23 21.86 -32.36
CA GLY D 137 26.66 21.21 -31.15
C GLY D 137 25.93 19.92 -30.82
N GLY D 138 25.42 19.25 -31.85
CA GLY D 138 24.82 17.93 -31.70
C GLY D 138 23.40 17.78 -32.23
N THR D 139 22.64 18.88 -32.20
CA THR D 139 21.22 18.98 -32.60
C THR D 139 21.00 18.57 -34.04
N ALA D 140 22.09 18.60 -34.79
CA ALA D 140 22.11 18.16 -36.18
C ALA D 140 22.14 16.63 -36.30
N ALA D 141 23.09 16.01 -35.60
CA ALA D 141 23.24 14.55 -35.64
C ALA D 141 22.03 13.88 -34.99
N PHE D 142 21.44 14.57 -34.01
CA PHE D 142 20.29 14.02 -33.30
C PHE D 142 19.06 13.96 -34.23
N THR D 143 18.75 15.07 -34.90
CA THR D 143 17.66 15.10 -35.85
C THR D 143 17.92 14.05 -36.94
N GLY D 144 19.20 13.85 -37.28
CA GLY D 144 19.61 12.79 -38.17
C GLY D 144 19.14 11.44 -37.67
N TYR D 145 19.22 11.28 -36.36
CA TYR D 145 18.78 10.05 -35.70
C TYR D 145 17.26 9.82 -35.83
N LEU D 146 16.45 10.85 -35.52
CA LEU D 146 15.02 10.82 -35.76
C LEU D 146 14.68 10.37 -37.20
N ARG D 147 15.20 11.10 -38.19
CA ARG D 147 15.10 10.72 -39.60
C ARG D 147 15.34 9.22 -39.81
N SER D 148 16.30 8.65 -39.07
CA SER D 148 16.61 7.24 -39.22
C SER D 148 15.53 6.30 -38.68
N LEU D 149 14.49 6.85 -38.08
CA LEU D 149 13.40 6.02 -37.56
C LEU D 149 12.08 6.32 -38.29
N GLY D 150 12.18 7.08 -39.38
CA GLY D 150 11.01 7.46 -40.16
C GLY D 150 10.37 8.77 -39.72
N ASP D 151 11.02 9.51 -38.83
CA ASP D 151 10.52 10.81 -38.39
C ASP D 151 11.06 12.01 -39.23
N THR D 152 10.25 12.47 -40.19
CA THR D 152 10.59 13.54 -41.10
C THR D 152 9.86 14.83 -40.70
N VAL D 153 9.60 14.97 -39.42
CA VAL D 153 8.77 16.08 -38.95
C VAL D 153 9.41 16.85 -37.81
N SER D 154 9.94 16.09 -36.84
CA SER D 154 10.54 16.70 -35.65
C SER D 154 11.88 17.29 -36.03
N ARG D 155 12.22 18.42 -35.43
CA ARG D 155 13.57 18.97 -35.53
C ARG D 155 14.08 19.41 -34.16
N LEU D 156 15.39 19.39 -33.98
CA LEU D 156 15.99 20.02 -32.79
C LEU D 156 17.09 20.96 -33.27
N ASP D 157 16.90 22.25 -33.05
CA ASP D 157 17.81 23.24 -33.62
C ASP D 157 18.70 23.91 -32.57
N ALA D 158 18.22 23.96 -31.32
CA ALA D 158 18.96 24.64 -30.25
C ALA D 158 19.20 23.68 -29.10
N GLU D 159 20.18 23.99 -28.28
CA GLU D 159 20.36 23.23 -27.04
C GLU D 159 19.97 24.07 -25.83
N ALA D 160 20.07 23.45 -24.66
CA ALA D 160 19.55 24.02 -23.42
C ALA D 160 20.27 25.33 -23.05
N PRO D 161 19.50 26.35 -22.62
CA PRO D 161 18.06 26.32 -22.35
C PRO D 161 17.21 26.85 -23.50
N GLU D 162 17.82 27.58 -24.44
CA GLU D 162 17.07 28.23 -25.50
C GLU D 162 15.90 27.43 -26.08
N LEU D 163 16.03 26.11 -26.10
CA LEU D 163 15.03 25.25 -26.76
C LEU D 163 13.65 25.14 -26.07
N ASN D 164 13.49 25.82 -24.94
CA ASN D 164 12.18 25.87 -24.26
C ASN D 164 11.53 27.27 -24.37
N ARG D 165 12.25 28.19 -25.02
CA ARG D 165 11.86 29.60 -25.07
C ARG D 165 11.68 30.19 -26.49
N ASP D 166 11.18 29.37 -27.41
CA ASP D 166 10.83 29.82 -28.77
C ASP D 166 9.42 30.37 -28.77
N PRO D 167 9.17 31.41 -29.59
CA PRO D 167 7.82 31.99 -29.62
C PRO D 167 6.80 30.99 -30.17
N PRO D 168 5.56 31.05 -29.65
CA PRO D 168 4.49 30.29 -30.30
C PRO D 168 4.47 30.66 -31.78
N GLY D 169 4.42 29.65 -32.66
CA GLY D 169 4.43 29.91 -34.08
C GLY D 169 5.77 29.60 -34.71
N ASP D 170 6.76 29.37 -33.85
CA ASP D 170 8.15 29.10 -34.29
C ASP D 170 8.43 27.59 -34.44
N GLU D 171 8.79 27.17 -35.66
CA GLU D 171 8.96 25.75 -35.98
C GLU D 171 10.28 25.14 -35.50
N ARG D 172 11.15 25.95 -34.91
CA ARG D 172 12.40 25.45 -34.37
C ARG D 172 12.12 24.66 -33.09
N ASP D 173 12.82 23.54 -32.92
CA ASP D 173 12.73 22.73 -31.70
C ASP D 173 11.39 22.03 -31.48
N THR D 174 10.62 21.80 -32.53
CA THR D 174 9.30 21.23 -32.31
C THR D 174 9.18 19.80 -32.77
N THR D 175 8.10 19.16 -32.30
CA THR D 175 7.66 17.88 -32.82
C THR D 175 6.14 17.87 -32.82
N THR D 176 5.56 16.68 -32.94
CA THR D 176 4.12 16.52 -32.87
C THR D 176 3.83 15.29 -32.02
N PRO D 177 2.63 15.24 -31.41
CA PRO D 177 2.21 14.05 -30.67
C PRO D 177 2.37 12.81 -31.51
N HIS D 178 1.88 12.89 -32.75
CA HIS D 178 1.96 11.77 -33.68
C HIS D 178 3.42 11.32 -33.87
N ALA D 179 4.30 12.25 -34.24
CA ALA D 179 5.71 11.97 -34.50
C ALA D 179 6.51 11.33 -33.35
N ILE D 180 6.49 11.97 -32.19
CA ILE D 180 7.24 11.50 -31.02
C ILE D 180 6.70 10.17 -30.52
N ALA D 181 5.38 9.99 -30.61
CA ALA D 181 4.68 8.76 -30.21
C ALA D 181 5.19 7.56 -30.99
N LEU D 182 5.23 7.69 -32.32
CA LEU D 182 5.81 6.65 -33.18
C LEU D 182 7.31 6.38 -32.93
N VAL D 183 8.06 7.40 -32.52
CA VAL D 183 9.47 7.22 -32.17
C VAL D 183 9.61 6.38 -30.91
N LEU D 184 9.02 6.88 -29.81
CA LEU D 184 9.07 6.15 -28.54
C LEU D 184 8.65 4.68 -28.71
N GLN D 185 7.78 4.44 -29.68
CA GLN D 185 7.25 3.11 -29.87
C GLN D 185 8.28 2.15 -30.48
N GLN D 186 9.02 2.62 -31.48
CA GLN D 186 10.09 1.82 -32.05
C GLN D 186 11.19 1.58 -31.04
N LEU D 187 11.45 2.60 -30.22
CA LEU D 187 12.47 2.52 -29.19
C LEU D 187 12.17 1.50 -28.09
N VAL D 188 10.99 1.59 -27.48
CA VAL D 188 10.64 0.75 -26.34
C VAL D 188 9.95 -0.57 -26.72
N LEU D 189 8.99 -0.50 -27.64
CA LEU D 189 8.21 -1.67 -28.06
C LEU D 189 8.76 -2.38 -29.28
N GLY D 190 9.58 -1.67 -30.06
CA GLY D 190 10.09 -2.22 -31.30
C GLY D 190 11.57 -2.54 -31.31
N ASN D 191 12.11 -2.62 -32.51
CA ASN D 191 13.47 -3.09 -32.75
C ASN D 191 14.54 -1.99 -32.91
N ALA D 192 14.16 -0.72 -32.72
CA ALA D 192 15.10 0.39 -32.88
C ALA D 192 16.43 0.20 -32.15
N LEU D 193 16.38 -0.18 -30.86
CA LEU D 193 17.58 -0.56 -30.11
C LEU D 193 17.55 -2.06 -29.79
N PRO D 194 18.72 -2.72 -29.88
CA PRO D 194 18.91 -4.15 -29.60
C PRO D 194 18.65 -4.49 -28.13
N PRO D 195 18.19 -5.71 -27.86
CA PRO D 195 17.63 -6.09 -26.54
C PRO D 195 18.39 -5.59 -25.29
N ASP D 196 19.70 -5.34 -25.39
CA ASP D 196 20.47 -4.90 -24.23
C ASP D 196 20.42 -3.40 -23.99
N LYS D 197 20.38 -2.63 -25.07
CA LYS D 197 20.23 -1.20 -24.97
C LYS D 197 18.74 -0.85 -24.77
N ARG D 198 17.84 -1.64 -25.35
CA ARG D 198 16.42 -1.44 -25.14
C ARG D 198 16.10 -1.48 -23.64
N ALA D 199 16.73 -2.42 -22.92
CA ALA D 199 16.49 -2.57 -21.50
C ALA D 199 16.91 -1.34 -20.69
N LEU D 200 18.12 -0.83 -20.98
CA LEU D 200 18.64 0.36 -20.32
C LEU D 200 17.73 1.60 -20.45
N LEU D 201 17.28 1.87 -21.67
CA LEU D 201 16.39 3.00 -21.96
C LEU D 201 15.07 2.87 -21.21
N THR D 202 14.40 1.73 -21.36
CA THR D 202 13.14 1.48 -20.71
C THR D 202 13.27 1.70 -19.21
N ASP D 203 14.34 1.14 -18.66
CA ASP D 203 14.53 1.12 -17.21
C ASP D 203 14.74 2.52 -16.64
N TRP D 204 15.37 3.40 -17.40
CA TRP D 204 15.58 4.78 -16.98
C TRP D 204 14.26 5.55 -16.93
N MET D 205 13.44 5.36 -17.96
CA MET D 205 12.11 5.94 -18.02
C MET D 205 11.20 5.30 -16.95
N ALA D 206 11.43 4.02 -16.66
CA ALA D 206 10.65 3.33 -15.64
C ALA D 206 10.84 3.96 -14.26
N ARG D 207 12.04 4.48 -14.03
CA ARG D 207 12.42 5.06 -12.74
C ARG D 207 12.57 6.57 -12.86
N ASN D 208 11.84 7.16 -13.79
CA ASN D 208 11.81 8.61 -13.93
C ASN D 208 11.12 9.27 -12.73
N THR D 209 11.62 10.45 -12.34
CA THR D 209 11.19 11.10 -11.10
C THR D 209 10.28 12.32 -11.33
N THR D 210 10.21 12.81 -12.58
CA THR D 210 9.53 14.05 -12.89
C THR D 210 8.03 13.89 -13.27
N GLY D 211 7.61 12.66 -13.54
CA GLY D 211 6.33 12.42 -14.18
C GLY D 211 5.15 11.93 -13.35
N ALA D 212 5.23 12.09 -12.04
CA ALA D 212 4.24 11.49 -11.14
C ALA D 212 2.89 12.20 -11.15
N LYS D 213 2.85 13.44 -11.63
CA LYS D 213 1.58 14.18 -11.67
C LYS D 213 0.97 14.34 -13.08
N ARG D 214 1.52 13.62 -14.05
CA ARG D 214 1.04 13.76 -15.42
C ARG D 214 0.34 12.51 -15.93
N ILE D 215 1.02 11.73 -16.77
CA ILE D 215 0.42 10.51 -17.33
C ILE D 215 0.20 9.46 -16.23
N ARG D 216 1.27 9.16 -15.49
CA ARG D 216 1.22 8.26 -14.33
C ARG D 216 0.06 8.57 -13.37
N ALA D 217 -0.32 9.85 -13.29
CA ALA D 217 -1.41 10.27 -12.42
C ALA D 217 -2.82 10.06 -13.01
N GLY D 218 -2.89 9.87 -14.32
CA GLY D 218 -4.14 9.78 -15.04
C GLY D 218 -4.52 8.34 -15.32
N PHE D 219 -3.60 7.43 -15.04
CA PHE D 219 -3.83 6.00 -15.27
C PHE D 219 -3.90 5.31 -13.91
N PRO D 220 -4.75 4.28 -13.81
CA PRO D 220 -4.95 3.49 -12.58
C PRO D 220 -3.64 2.83 -12.15
N ALA D 221 -3.41 2.70 -10.85
CA ALA D 221 -2.13 2.20 -10.33
C ALA D 221 -1.74 0.80 -10.83
N ASP D 222 -2.73 -0.04 -11.15
CA ASP D 222 -2.45 -1.37 -11.67
C ASP D 222 -1.91 -1.38 -13.12
N TRP D 223 -1.97 -0.23 -13.79
CA TRP D 223 -1.28 -0.05 -15.08
C TRP D 223 0.18 0.32 -14.81
N LYS D 224 1.12 -0.36 -15.47
CA LYS D 224 2.50 0.07 -15.39
C LYS D 224 2.74 1.28 -16.29
N VAL D 225 3.52 2.26 -15.84
CA VAL D 225 3.83 3.43 -16.66
C VAL D 225 5.34 3.78 -16.68
N ILE D 226 5.94 3.84 -17.86
CA ILE D 226 7.27 4.43 -18.01
C ILE D 226 7.10 5.72 -18.82
N ASP D 227 7.91 6.75 -18.53
CA ASP D 227 7.78 8.05 -19.23
C ASP D 227 8.97 9.02 -19.15
N LYS D 228 8.84 10.07 -19.96
CA LYS D 228 9.72 11.23 -19.98
C LYS D 228 8.87 12.52 -20.08
N THR D 229 9.17 13.51 -19.25
CA THR D 229 8.42 14.76 -19.26
C THR D 229 9.20 15.90 -19.92
N GLY D 230 8.46 16.95 -20.25
CA GLY D 230 9.04 18.16 -20.75
C GLY D 230 8.22 19.33 -20.24
N THR D 231 8.90 20.38 -19.82
CA THR D 231 8.24 21.59 -19.39
C THR D 231 8.97 22.79 -20.01
N GLY D 232 8.24 23.89 -20.21
CA GLY D 232 8.80 25.10 -20.78
C GLY D 232 7.88 26.29 -20.59
N ASP D 233 8.26 27.41 -21.19
CA ASP D 233 7.52 28.67 -21.06
C ASP D 233 6.24 28.64 -21.87
N TYR D 234 5.53 29.77 -21.92
CA TYR D 234 4.30 29.83 -22.69
C TYR D 234 3.37 28.69 -22.24
N GLY D 235 3.54 28.27 -20.98
CA GLY D 235 2.66 27.29 -20.37
C GLY D 235 2.82 25.87 -20.88
N ARG D 236 4.06 25.48 -21.14
CA ARG D 236 4.36 24.20 -21.78
C ARG D 236 4.50 23.01 -20.83
N ALA D 237 3.71 21.97 -21.08
CA ALA D 237 3.69 20.78 -20.25
C ALA D 237 3.53 19.55 -21.15
N ASN D 238 4.56 18.72 -21.23
CA ASN D 238 4.49 17.50 -22.03
C ASN D 238 4.68 16.22 -21.23
N ASP D 239 4.11 15.14 -21.75
CA ASP D 239 4.48 13.83 -21.27
C ASP D 239 4.38 12.83 -22.41
N ILE D 240 5.37 11.94 -22.50
CA ILE D 240 5.31 10.80 -23.39
C ILE D 240 5.62 9.54 -22.61
N ALA D 241 4.78 8.52 -22.81
CA ALA D 241 4.80 7.35 -21.96
C ALA D 241 4.50 6.12 -22.78
N VAL D 242 4.92 4.98 -22.24
CA VAL D 242 4.45 3.68 -22.67
C VAL D 242 3.73 3.09 -21.43
N VAL D 243 2.47 2.72 -21.58
CA VAL D 243 1.73 2.14 -20.47
C VAL D 243 1.49 0.67 -20.74
N TRP D 244 1.27 -0.11 -19.69
CA TRP D 244 0.86 -1.51 -19.83
C TRP D 244 -0.41 -1.74 -19.03
N SER D 245 -1.45 -2.22 -19.68
CA SER D 245 -2.68 -2.55 -18.96
C SER D 245 -2.42 -3.60 -17.86
N PRO D 246 -3.38 -3.76 -16.92
CA PRO D 246 -3.20 -4.77 -15.87
C PRO D 246 -2.81 -6.15 -16.42
N THR D 247 -3.22 -6.43 -17.65
CA THR D 247 -2.98 -7.73 -18.29
C THR D 247 -1.70 -7.77 -19.11
N GLY D 248 -0.94 -6.67 -19.15
CA GLY D 248 0.30 -6.64 -19.89
C GLY D 248 0.19 -6.19 -21.35
N VAL D 249 -0.90 -5.52 -21.70
CA VAL D 249 -1.02 -4.96 -23.05
C VAL D 249 -0.44 -3.53 -23.12
N PRO D 250 0.55 -3.30 -24.01
CA PRO D 250 1.25 -2.00 -24.09
C PRO D 250 0.55 -1.02 -24.99
N TYR D 251 0.62 0.26 -24.64
CA TYR D 251 0.23 1.34 -25.52
C TYR D 251 1.26 2.44 -25.36
N VAL D 252 1.41 3.27 -26.38
CA VAL D 252 2.24 4.46 -26.27
C VAL D 252 1.31 5.67 -26.13
N VAL D 253 1.60 6.56 -25.19
CA VAL D 253 0.75 7.75 -25.00
C VAL D 253 1.55 9.06 -25.05
N ALA D 254 1.17 9.95 -25.97
CA ALA D 254 1.84 11.23 -26.12
C ALA D 254 0.89 12.36 -25.82
N VAL D 255 1.18 13.13 -24.78
CA VAL D 255 0.34 14.27 -24.46
C VAL D 255 1.13 15.56 -24.38
N MET D 256 0.68 16.57 -25.09
CA MET D 256 1.45 17.81 -25.22
C MET D 256 0.54 19.03 -25.04
N SER D 257 1.03 20.04 -24.34
CA SER D 257 0.19 21.21 -24.10
C SER D 257 0.99 22.50 -24.04
N ASP D 258 0.27 23.60 -24.23
CA ASP D 258 0.83 24.91 -24.02
C ASP D 258 -0.33 25.87 -23.88
N ARG D 259 -0.06 27.04 -23.31
CA ARG D 259 -1.06 28.07 -23.13
C ARG D 259 -0.49 29.42 -23.57
N ALA D 260 -0.37 29.59 -24.89
CA ALA D 260 0.28 30.76 -25.47
C ALA D 260 -0.39 32.09 -25.13
N GLY D 261 -1.71 32.06 -24.95
CA GLY D 261 -2.49 33.25 -24.62
C GLY D 261 -2.11 33.88 -23.29
N GLY D 262 -1.38 33.12 -22.47
CA GLY D 262 -0.87 33.64 -21.21
C GLY D 262 0.57 34.09 -21.35
N GLY D 263 1.05 34.14 -22.58
CA GLY D 263 2.39 34.59 -22.88
C GLY D 263 3.52 33.76 -22.27
N TYR D 264 4.71 34.35 -22.31
CA TYR D 264 5.93 33.73 -21.81
C TYR D 264 5.80 33.20 -20.37
N ASP D 265 4.97 33.84 -19.56
CA ASP D 265 4.96 33.55 -18.13
C ASP D 265 3.75 32.70 -17.65
N ALA D 266 2.93 32.27 -18.60
CA ALA D 266 1.74 31.44 -18.36
C ALA D 266 2.12 30.15 -17.66
N GLU D 267 1.33 29.74 -16.66
CA GLU D 267 1.75 28.59 -15.86
C GLU D 267 1.32 27.29 -16.54
N PRO D 268 2.26 26.32 -16.65
CA PRO D 268 1.90 25.03 -17.24
C PRO D 268 0.85 24.35 -16.34
N ARG D 269 -0.13 23.70 -16.97
CA ARG D 269 -1.18 23.02 -16.22
C ARG D 269 -0.96 21.52 -16.25
N GLU D 270 -0.31 21.00 -15.22
CA GLU D 270 -0.04 19.56 -15.14
C GLU D 270 -1.29 18.70 -15.03
N ALA D 271 -2.38 19.32 -14.59
CA ALA D 271 -3.64 18.62 -14.37
C ALA D 271 -4.29 18.26 -15.70
N LEU D 272 -4.03 19.10 -16.70
CA LEU D 272 -4.48 18.85 -18.08
C LEU D 272 -3.96 17.53 -18.62
N LEU D 273 -2.67 17.26 -18.44
CA LEU D 273 -2.05 16.02 -18.90
C LEU D 273 -2.62 14.82 -18.14
N ALA D 274 -2.87 15.00 -16.83
CA ALA D 274 -3.43 13.95 -16.00
C ALA D 274 -4.89 13.63 -16.34
N GLU D 275 -5.66 14.67 -16.66
CA GLU D 275 -7.04 14.51 -17.07
C GLU D 275 -7.14 13.83 -18.43
N ALA D 276 -6.39 14.32 -19.41
CA ALA D 276 -6.38 13.73 -20.74
C ALA D 276 -5.88 12.26 -20.71
N ALA D 277 -4.97 11.94 -19.79
CA ALA D 277 -4.53 10.56 -19.63
C ALA D 277 -5.66 9.66 -19.13
N THR D 278 -6.52 10.21 -18.27
CA THR D 278 -7.69 9.49 -17.79
C THR D 278 -8.72 9.30 -18.92
N CYS D 279 -8.97 10.33 -19.74
CA CYS D 279 -9.89 10.15 -20.86
C CYS D 279 -9.37 9.05 -21.79
N VAL D 280 -8.06 9.04 -22.02
CA VAL D 280 -7.44 7.97 -22.81
C VAL D 280 -7.59 6.58 -22.17
N ALA D 281 -7.25 6.48 -20.89
CA ALA D 281 -7.34 5.21 -20.17
C ALA D 281 -8.72 4.60 -20.31
N GLY D 282 -9.77 5.38 -20.04
CA GLY D 282 -11.15 4.92 -20.20
C GLY D 282 -11.43 4.26 -21.54
N VAL D 283 -10.97 4.90 -22.60
CA VAL D 283 -11.04 4.37 -23.95
C VAL D 283 -10.25 3.05 -24.14
N LEU D 284 -9.12 2.90 -23.45
CA LEU D 284 -8.27 1.72 -23.66
C LEU D 284 -8.71 0.54 -22.78
N ALA D 285 -9.57 0.83 -21.80
CA ALA D 285 -9.99 -0.18 -20.82
C ALA D 285 -11.07 -1.12 -21.35
P PO4 E . -10.37 -19.52 15.58
O1 PO4 E . -10.32 -21.12 15.71
O2 PO4 E . -11.33 -18.92 16.72
O3 PO4 E . -8.89 -18.92 15.76
O4 PO4 E . -10.89 -19.14 14.25
P PO4 F . -10.36 -21.10 -2.44
O1 PO4 F . -11.88 -21.08 -1.94
O2 PO4 F . -9.94 -22.61 -2.83
O3 PO4 F . -10.21 -20.16 -3.75
O4 PO4 F . -9.47 -20.61 -1.37
P PO4 G . -17.00 -22.35 22.69
O1 PO4 G . -16.46 -23.70 23.39
O2 PO4 G . -17.97 -21.56 23.70
O3 PO4 G . -15.74 -21.42 22.29
O4 PO4 G . -17.75 -22.70 21.45
CAA CD6 H . -16.37 -11.71 -1.21
OAE CD6 H . -16.41 -9.42 -1.47
OAF CD6 H . -21.27 -14.30 1.32
OAG CD6 H . -21.56 -10.19 -0.32
OAH CD6 H . -17.62 -8.08 -0.27
CAI CD6 H . -20.38 -18.66 0.14
CAJ CD6 H . -19.26 -17.89 0.39
CAK CD6 H . -21.49 -18.10 -0.45
CAL CD6 H . -19.25 -16.54 0.04
CAM CD6 H . -21.50 -16.75 -0.79
CAN CD6 H . -17.72 -12.76 0.45
CAP CD6 H . -20.37 -14.62 -0.88
NAQ CD6 H . -18.65 -10.06 1.13
NAS CD6 H . -20.34 -12.51 0.29
SAU CD6 H . -18.06 -12.45 2.21
CAW CD6 H . -17.29 -11.59 -0.18
CAX CD6 H . -17.24 -9.24 -0.55
CAY CD6 H . -20.70 -13.79 0.35
CAZ CD6 H . -21.38 -10.36 0.89
CBA CD6 H . -17.74 -10.32 0.16
CBB CD6 H . -20.37 -15.97 -0.54
CBD CD6 H . -19.26 -11.11 1.98
CBE CD6 H . -20.59 -11.58 1.40
P PO4 I . -10.84 -0.39 13.87
O1 PO4 I . -9.54 -0.80 13.03
O2 PO4 I . -11.55 -1.71 14.46
O3 PO4 I . -10.41 0.57 15.09
O4 PO4 I . -11.79 0.32 12.99
CAA CD6 J . 17.61 9.49 -0.65
OAE CD6 J . 16.23 9.39 1.19
OAF CD6 J . 21.15 14.25 -1.29
OAG CD6 J . 19.38 13.14 2.80
OAH CD6 J . 15.61 11.11 2.35
CAI CD6 J . 23.61 12.39 -4.76
CAJ CD6 J . 22.42 11.70 -4.65
CAK CD6 J . 24.20 12.94 -3.63
CAL CD6 J . 21.81 11.56 -3.41
CAM CD6 J . 23.61 12.78 -2.39
CAN CD6 J . 18.44 11.60 -1.41
CAP CD6 J . 21.81 11.95 -1.04
NAQ CD6 J . 16.96 12.78 0.83
NAS CD6 J . 19.98 12.98 0.18
SAU CD6 J . 17.71 13.24 -1.72
CAW CD6 J . 17.67 10.88 -0.51
CAX CD6 J . 16.25 10.62 1.40
CAY CD6 J . 20.94 13.18 -0.73
CAZ CD6 J . 18.98 14.08 2.12
CBA CD6 J . 16.98 11.46 0.56
CBB CD6 J . 22.40 12.10 -2.28
CBD CD6 J . 17.68 13.79 0.02
CBE CD6 J . 19.06 14.05 0.60
P PO4 K . -0.20 18.20 -0.57
O1 PO4 K . 0.77 18.17 0.71
O2 PO4 K . -1.47 19.13 -0.26
O3 PO4 K . 0.60 18.80 -1.83
O4 PO4 K . -0.65 16.82 -0.89
P PO4 L . 10.59 18.83 -16.38
O1 PO4 L . 11.02 18.31 -14.92
O2 PO4 L . 10.64 20.44 -16.42
O3 PO4 L . 11.61 18.24 -17.48
O4 PO4 L . 9.22 18.37 -16.68
P PO4 M . 20.88 5.18 -10.25
O1 PO4 M . 21.60 3.74 -10.13
O2 PO4 M . 20.07 5.48 -8.90
O3 PO4 M . 22.00 6.31 -10.47
O4 PO4 M . 19.95 5.18 -11.40
#